data_3FON
#
_entry.id   3FON
#
_cell.length_a   103.607
_cell.length_b   68.002
_cell.length_c   149.920
_cell.angle_alpha   90.000
_cell.angle_beta   105.540
_cell.angle_gamma   90.000
#
_symmetry.space_group_name_H-M   'C 1 2 1'
#
loop_
_entity.id
_entity.type
_entity.pdbx_description
1 polymer MHC
2 polymer Beta-2-microglobulin
3 polymer Peptide
4 water water
#
loop_
_entity_poly.entity_id
_entity_poly.type
_entity_poly.pdbx_seq_one_letter_code
_entity_poly.pdbx_strand_id
1 'polypeptide(L)'
;GSHSLRYFVTAVSRPGHGKPRYMEVGYVDDTEFVRFDSDAENPRYEPRTPWMEQVEPEYWEGQTQIAKGNEQSSRVDLRT
ALRYYNQSAGGSHTIQRMRGCEVGSDGRLLRGYQQVAYDGRDYIALNEDLKTWTAADMAALITKHKWEQAGAAERDRAYL
EGACVEWLRRYLELGNATLLRTDSPKAHVTHHSRPKDKVTLRCWALGFYPADITLTWQLNGEELTQDMELVETRPAGDGT
FQKWASVVVPLGKEQNYTCHVYHEGLPEPLTLRW
;
A,C
2 'polypeptide(L)'
;MIQKTPQIQVYSRHPPENGKPNILNCYVTQFHPPHIEIQMLKNGKKIPKVEMSDMSFSKDWSFYILAHTEFTPTETDTYA
CRVKHDSMAEPKTVYWDRDM
;
B,D
3 'polypeptide(L)' VNDIFEAI P,E
#
# COMPACT_ATOMS: atom_id res chain seq x y z
N GLY A 1 19.54 -12.64 -29.75
CA GLY A 1 18.43 -11.67 -29.90
C GLY A 1 18.50 -10.58 -28.85
N SER A 2 18.11 -9.35 -29.25
CA SER A 2 18.12 -8.22 -28.36
C SER A 2 16.76 -8.02 -27.74
N HIS A 3 16.74 -7.36 -26.58
CA HIS A 3 15.48 -7.02 -25.92
C HIS A 3 15.55 -5.60 -25.39
N SER A 4 14.41 -5.04 -25.03
CA SER A 4 14.41 -3.67 -24.58
C SER A 4 13.35 -3.50 -23.51
N LEU A 5 13.63 -2.61 -22.54
CA LEU A 5 12.62 -2.14 -21.61
C LEU A 5 12.50 -0.66 -21.87
N ARG A 6 11.28 -0.19 -22.11
CA ARG A 6 11.03 1.19 -22.41
C ARG A 6 9.78 1.76 -21.73
N TYR A 7 9.92 3.02 -21.28
CA TYR A 7 8.77 3.75 -20.76
C TYR A 7 8.38 4.92 -21.64
N PHE A 8 7.10 5.05 -21.94
CA PHE A 8 6.61 6.20 -22.77
C PHE A 8 5.61 6.95 -21.92
N VAL A 9 5.77 8.26 -21.84
CA VAL A 9 5.09 9.00 -20.84
C VAL A 9 4.58 10.26 -21.54
N THR A 10 3.32 10.62 -21.24
CA THR A 10 2.66 11.81 -21.83
C THR A 10 1.99 12.67 -20.70
N ALA A 11 2.29 13.97 -20.68
CA ALA A 11 1.50 14.93 -19.91
C ALA A 11 0.82 15.88 -20.89
N VAL A 12 -0.49 16.12 -20.73
CA VAL A 12 -1.23 16.95 -21.66
C VAL A 12 -1.98 17.96 -20.83
N SER A 13 -1.73 19.25 -21.04
CA SER A 13 -2.48 20.28 -20.33
C SER A 13 -3.87 20.54 -20.90
N ARG A 14 -4.77 20.97 -20.03
CA ARG A 14 -6.09 21.33 -20.53
C ARG A 14 -6.61 22.52 -19.71
N PRO A 15 -6.08 23.73 -20.02
CA PRO A 15 -6.38 24.86 -19.13
C PRO A 15 -7.89 25.01 -18.96
N GLY A 16 -8.32 25.26 -17.72
CA GLY A 16 -9.74 25.46 -17.41
C GLY A 16 -10.59 24.19 -17.43
N HIS A 17 -9.95 23.06 -17.71
CA HIS A 17 -10.61 21.74 -17.65
C HIS A 17 -9.90 20.86 -16.62
N GLY A 18 -9.51 21.46 -15.49
CA GLY A 18 -8.79 20.75 -14.44
C GLY A 18 -7.32 20.58 -14.78
N LYS A 19 -6.59 19.85 -13.94
CA LYS A 19 -5.16 19.69 -14.10
C LYS A 19 -4.79 18.79 -15.30
N PRO A 20 -3.53 18.83 -15.72
CA PRO A 20 -3.09 18.03 -16.89
C PRO A 20 -3.41 16.55 -16.77
N ARG A 21 -3.65 15.88 -17.88
CA ARG A 21 -3.70 14.43 -17.82
C ARG A 21 -2.26 13.88 -17.85
N TYR A 22 -2.03 12.73 -17.25
CA TYR A 22 -0.70 12.12 -17.22
C TYR A 22 -0.81 10.60 -17.42
N MET A 23 0.00 10.06 -18.34
CA MET A 23 0.02 8.63 -18.62
C MET A 23 1.44 8.08 -18.62
N GLU A 24 1.65 6.88 -18.09
CA GLU A 24 2.95 6.19 -18.26
C GLU A 24 2.65 4.82 -18.78
N VAL A 25 3.41 4.40 -19.79
CA VAL A 25 3.27 3.04 -20.31
C VAL A 25 4.62 2.38 -20.41
N GLY A 26 4.72 1.14 -19.92
CA GLY A 26 5.93 0.38 -19.97
C GLY A 26 5.78 -0.73 -21.00
N TYR A 27 6.85 -0.97 -21.75
CA TYR A 27 6.87 -2.03 -22.76
C TYR A 27 8.12 -2.89 -22.57
N VAL A 28 7.96 -4.20 -22.69
CA VAL A 28 9.10 -5.11 -22.82
C VAL A 28 9.09 -5.61 -24.26
N ASP A 29 10.20 -5.37 -24.94
CA ASP A 29 10.24 -5.34 -26.39
C ASP A 29 9.09 -4.41 -26.83
N ASP A 30 8.01 -4.92 -27.37
CA ASP A 30 7.01 -3.99 -27.85
C ASP A 30 5.69 -4.31 -27.23
N THR A 31 5.73 -5.17 -26.24
CA THR A 31 4.52 -5.57 -25.58
C THR A 31 4.28 -4.68 -24.36
N GLU A 32 3.13 -4.02 -24.31
CA GLU A 32 2.77 -3.21 -23.16
C GLU A 32 2.61 -4.11 -21.92
N PHE A 33 3.23 -3.75 -20.80
CA PHE A 33 3.13 -4.65 -19.62
C PHE A 33 2.67 -3.92 -18.35
N VAL A 34 2.78 -2.60 -18.33
CA VAL A 34 2.27 -1.81 -17.21
C VAL A 34 1.76 -0.49 -17.72
N ARG A 35 0.80 0.09 -16.99
CA ARG A 35 0.24 1.38 -17.38
C ARG A 35 -0.25 2.13 -16.14
N PHE A 36 0.03 3.42 -16.11
CA PHE A 36 -0.48 4.33 -15.12
C PHE A 36 -1.24 5.38 -15.86
N ASP A 37 -2.48 5.64 -15.46
CA ASP A 37 -3.33 6.62 -16.11
C ASP A 37 -3.94 7.56 -15.04
N SER A 38 -3.60 8.84 -15.07
CA SER A 38 -4.04 9.77 -14.01
C SER A 38 -5.56 9.95 -14.00
N ASP A 39 -6.21 9.59 -15.10
CA ASP A 39 -7.64 9.82 -15.20
C ASP A 39 -8.49 8.63 -14.72
N ALA A 40 -7.87 7.47 -14.49
CA ALA A 40 -8.59 6.33 -13.93
C ALA A 40 -9.28 6.73 -12.62
N GLU A 41 -10.29 5.95 -12.24
CA GLU A 41 -11.04 6.24 -11.00
C GLU A 41 -10.13 6.38 -9.78
N ASN A 42 -9.28 5.37 -9.57
CA ASN A 42 -8.23 5.45 -8.54
C ASN A 42 -6.87 5.19 -9.19
N PRO A 43 -6.16 6.25 -9.57
CA PRO A 43 -4.98 6.07 -10.42
C PRO A 43 -3.84 5.28 -9.71
N ARG A 44 -3.35 4.27 -10.38
CA ARG A 44 -2.23 3.50 -9.84
C ARG A 44 -1.61 2.77 -11.02
N TYR A 45 -0.37 2.29 -10.87
CA TYR A 45 0.20 1.46 -11.89
C TYR A 45 -0.55 0.16 -11.84
N GLU A 46 -0.88 -0.35 -13.03
CA GLU A 46 -1.49 -1.65 -13.17
C GLU A 46 -0.81 -2.57 -14.15
N PRO A 47 -0.89 -3.87 -13.86
CA PRO A 47 -0.41 -4.92 -14.73
C PRO A 47 -1.24 -4.89 -16.03
N ARG A 48 -0.62 -5.12 -17.17
CA ARG A 48 -1.31 -5.09 -18.46
C ARG A 48 -1.14 -6.41 -19.18
N THR A 49 -0.64 -7.39 -18.44
CA THR A 49 -0.25 -8.65 -19.00
C THR A 49 -0.44 -9.66 -17.84
N PRO A 50 -0.89 -10.90 -18.11
CA PRO A 50 -1.13 -11.78 -16.99
C PRO A 50 0.14 -12.11 -16.22
N TRP A 51 1.27 -12.23 -16.92
CA TRP A 51 2.51 -12.55 -16.19
C TRP A 51 2.96 -11.46 -15.19
N MET A 52 2.44 -10.24 -15.34
CA MET A 52 2.73 -9.23 -14.33
C MET A 52 1.93 -9.38 -13.05
N GLU A 53 0.87 -10.21 -13.03
CA GLU A 53 0.04 -10.35 -11.83
C GLU A 53 0.87 -10.99 -10.72
N GLN A 54 1.99 -11.61 -11.08
CA GLN A 54 2.72 -12.36 -10.07
C GLN A 54 3.62 -11.54 -9.16
N VAL A 55 3.95 -10.31 -9.53
CA VAL A 55 4.88 -9.52 -8.72
C VAL A 55 4.36 -9.17 -7.30
N GLU A 56 5.28 -8.87 -6.41
CA GLU A 56 4.99 -8.62 -5.01
C GLU A 56 4.21 -7.29 -4.89
N PRO A 57 3.33 -7.18 -3.86
CA PRO A 57 2.60 -5.95 -3.66
C PRO A 57 3.48 -4.71 -3.58
N GLU A 58 4.71 -4.84 -3.08
CA GLU A 58 5.56 -3.65 -2.92
C GLU A 58 5.93 -3.06 -4.25
N TYR A 59 5.85 -3.90 -5.28
CA TYR A 59 6.16 -3.44 -6.64
C TYR A 59 5.25 -2.32 -7.01
N TRP A 60 3.94 -2.57 -6.86
CA TRP A 60 2.95 -1.57 -7.20
C TRP A 60 3.01 -0.35 -6.24
N GLU A 61 3.39 -0.57 -4.99
CA GLU A 61 3.42 0.58 -4.06
C GLU A 61 4.51 1.57 -4.50
N GLY A 62 5.69 1.04 -4.78
CA GLY A 62 6.76 1.95 -5.20
C GLY A 62 6.55 2.54 -6.60
N GLN A 63 6.06 1.73 -7.53
CA GLN A 63 5.89 2.25 -8.89
C GLN A 63 4.76 3.30 -8.97
N THR A 64 3.66 3.06 -8.27
CA THR A 64 2.60 4.08 -8.20
C THR A 64 3.10 5.38 -7.56
N GLN A 65 3.95 5.28 -6.54
CA GLN A 65 4.52 6.50 -5.94
C GLN A 65 5.40 7.28 -6.94
N ILE A 66 6.27 6.58 -7.65
CA ILE A 66 7.08 7.19 -8.70
C ILE A 66 6.16 7.85 -9.74
N ALA A 67 5.15 7.11 -10.22
CA ALA A 67 4.28 7.70 -11.21
C ALA A 67 3.60 8.98 -10.72
N LYS A 68 3.13 8.99 -9.48
CA LYS A 68 2.48 10.20 -8.92
C LYS A 68 3.41 11.41 -8.77
N GLY A 69 4.63 11.16 -8.30
CA GLY A 69 5.71 12.18 -8.36
C GLY A 69 6.07 12.60 -9.78
N ASN A 70 6.01 11.70 -10.76
CA ASN A 70 6.25 12.17 -12.13
C ASN A 70 5.06 12.99 -12.65
N GLU A 71 3.87 12.57 -12.26
CA GLU A 71 2.68 13.36 -12.61
C GLU A 71 2.81 14.81 -12.11
N GLN A 72 3.06 14.99 -10.82
CA GLN A 72 3.20 16.34 -10.26
C GLN A 72 4.31 17.14 -10.94
N SER A 73 5.48 16.55 -11.13
CA SER A 73 6.60 17.30 -11.72
C SER A 73 6.40 17.58 -13.25
N SER A 74 5.67 16.71 -13.94
CA SER A 74 5.34 17.02 -15.34
C SER A 74 4.36 18.22 -15.45
N ARG A 75 3.50 18.42 -14.46
CA ARG A 75 2.71 19.67 -14.47
C ARG A 75 3.59 20.91 -14.39
N VAL A 76 4.66 20.81 -13.60
CA VAL A 76 5.62 21.90 -13.47
C VAL A 76 6.35 22.06 -14.80
N ASP A 77 6.72 20.97 -15.44
CA ASP A 77 7.41 21.06 -16.74
C ASP A 77 6.55 21.75 -17.82
N LEU A 78 5.26 21.47 -17.87
CA LEU A 78 4.33 22.21 -18.77
C LEU A 78 4.29 23.71 -18.55
N ARG A 79 4.26 24.16 -17.30
CA ARG A 79 4.35 25.60 -17.02
C ARG A 79 5.71 26.14 -17.40
N THR A 80 6.76 25.39 -17.07
CA THR A 80 8.13 25.82 -17.39
C THR A 80 8.31 26.02 -18.90
N ALA A 81 7.81 25.06 -19.69
CA ALA A 81 7.88 25.14 -21.17
C ALA A 81 7.20 26.37 -21.68
N LEU A 82 5.97 26.63 -21.23
CA LEU A 82 5.26 27.86 -21.64
C LEU A 82 6.10 29.10 -21.40
N ARG A 83 6.73 29.15 -20.23
CA ARG A 83 7.62 30.24 -19.84
CA ARG A 83 7.59 30.29 -19.89
C ARG A 83 8.82 30.35 -20.78
N TYR A 84 9.53 29.23 -20.97
CA TYR A 84 10.73 29.22 -21.82
C TYR A 84 10.42 29.68 -23.24
N TYR A 85 9.32 29.18 -23.82
CA TYR A 85 8.90 29.57 -25.18
C TYR A 85 8.19 30.92 -25.29
N ASN A 86 7.92 31.53 -24.15
CA ASN A 86 7.06 32.74 -24.07
C ASN A 86 5.75 32.61 -24.86
N GLN A 87 5.09 31.47 -24.69
CA GLN A 87 3.85 31.20 -25.41
C GLN A 87 2.67 31.76 -24.65
N SER A 88 1.65 32.22 -25.36
CA SER A 88 0.43 32.69 -24.74
C SER A 88 -0.25 31.57 -23.95
N ALA A 89 -0.99 31.98 -22.92
CA ALA A 89 -1.63 31.07 -21.97
C ALA A 89 -2.95 30.56 -22.56
N GLY A 90 -3.49 29.47 -22.01
CA GLY A 90 -4.82 29.02 -22.42
C GLY A 90 -4.89 27.90 -23.46
N GLY A 91 -3.77 27.48 -24.01
CA GLY A 91 -3.80 26.33 -24.97
C GLY A 91 -3.42 25.00 -24.35
N SER A 92 -3.80 23.92 -25.03
CA SER A 92 -3.31 22.61 -24.67
C SER A 92 -1.90 22.43 -25.24
N HIS A 93 -1.02 21.85 -24.45
CA HIS A 93 0.34 21.50 -24.88
C HIS A 93 0.65 20.13 -24.29
N THR A 94 1.65 19.47 -24.86
CA THR A 94 2.04 18.14 -24.43
C THR A 94 3.51 18.10 -24.14
N ILE A 95 3.89 17.34 -23.11
CA ILE A 95 5.28 16.96 -22.95
C ILE A 95 5.29 15.44 -22.97
N GLN A 96 6.19 14.86 -23.77
CA GLN A 96 6.29 13.39 -23.81
C GLN A 96 7.71 13.02 -23.50
N ARG A 97 7.94 11.84 -22.92
CA ARG A 97 9.30 11.38 -22.69
C ARG A 97 9.32 9.89 -23.09
N MET A 98 10.47 9.44 -23.53
CA MET A 98 10.73 8.03 -23.70
C MET A 98 12.06 7.77 -23.03
N ARG A 99 12.16 6.71 -22.24
CA ARG A 99 13.41 6.37 -21.62
C ARG A 99 13.50 4.85 -21.62
N GLY A 100 14.67 4.27 -21.81
CA GLY A 100 14.71 2.80 -21.85
C GLY A 100 16.10 2.27 -22.22
N CYS A 101 16.23 0.96 -22.26
CA CYS A 101 17.51 0.36 -22.48
C CYS A 101 17.31 -0.74 -23.52
N GLU A 102 18.28 -0.87 -24.40
CA GLU A 102 18.24 -1.95 -25.35
CA GLU A 102 18.28 -1.92 -25.39
C GLU A 102 19.44 -2.83 -25.04
N VAL A 103 19.17 -4.10 -24.80
CA VAL A 103 20.26 -4.99 -24.40
C VAL A 103 20.49 -6.23 -25.27
N GLY A 104 21.73 -6.44 -25.68
CA GLY A 104 22.03 -7.56 -26.59
C GLY A 104 21.97 -8.89 -25.86
N SER A 105 22.03 -9.98 -26.61
CA SER A 105 21.92 -11.32 -26.02
C SER A 105 23.12 -11.66 -25.15
N ASP A 106 24.18 -10.84 -25.20
CA ASP A 106 25.30 -11.04 -24.32
C ASP A 106 25.20 -10.13 -23.10
N GLY A 107 24.03 -9.50 -22.88
CA GLY A 107 23.83 -8.68 -21.68
C GLY A 107 24.47 -7.30 -21.75
N ARG A 108 25.07 -6.97 -22.88
CA ARG A 108 25.70 -5.67 -23.02
C ARG A 108 24.62 -4.60 -23.26
N LEU A 109 24.75 -3.41 -22.70
CA LEU A 109 23.77 -2.35 -23.00
C LEU A 109 24.10 -1.80 -24.39
N LEU A 110 23.21 -2.00 -25.37
CA LEU A 110 23.49 -1.53 -26.73
C LEU A 110 23.09 -0.07 -26.87
N ARG A 111 22.00 0.31 -26.23
CA ARG A 111 21.62 1.71 -26.33
C ARG A 111 20.81 2.04 -25.08
N GLY A 112 21.19 3.11 -24.41
CA GLY A 112 20.38 3.61 -23.31
C GLY A 112 19.88 4.99 -23.71
N TYR A 113 18.62 5.29 -23.51
CA TYR A 113 18.20 6.62 -23.96
C TYR A 113 17.18 7.32 -23.06
N GLN A 114 17.10 8.65 -23.21
CA GLN A 114 16.12 9.48 -22.52
C GLN A 114 15.88 10.70 -23.41
N GLN A 115 14.67 10.81 -23.90
CA GLN A 115 14.35 11.78 -24.94
C GLN A 115 13.11 12.49 -24.41
N VAL A 116 12.93 13.74 -24.82
CA VAL A 116 11.79 14.52 -24.39
C VAL A 116 11.32 15.24 -25.63
N ALA A 117 10.01 15.39 -25.77
CA ALA A 117 9.41 16.16 -26.85
C ALA A 117 8.40 17.15 -26.27
N TYR A 118 8.37 18.36 -26.84
CA TYR A 118 7.36 19.34 -26.46
C TYR A 118 6.46 19.58 -27.68
N ASP A 119 5.15 19.55 -27.46
CA ASP A 119 4.20 19.64 -28.57
C ASP A 119 4.49 18.72 -29.74
N GLY A 120 4.93 17.53 -29.41
CA GLY A 120 5.19 16.47 -30.41
C GLY A 120 6.49 16.68 -31.17
N ARG A 121 7.30 17.64 -30.74
CA ARG A 121 8.58 17.86 -31.44
C ARG A 121 9.77 17.59 -30.51
N ASP A 122 10.84 17.00 -31.06
CA ASP A 122 12.06 16.81 -30.27
C ASP A 122 12.43 18.05 -29.47
N TYR A 123 12.66 17.84 -28.19
CA TYR A 123 13.05 18.92 -27.31
C TYR A 123 14.50 18.70 -26.85
N ILE A 124 14.76 17.59 -26.12
CA ILE A 124 16.12 17.29 -25.64
C ILE A 124 16.33 15.76 -25.67
N ALA A 125 17.60 15.32 -25.70
CA ALA A 125 17.88 13.89 -25.77
C ALA A 125 19.30 13.60 -25.27
N LEU A 126 19.42 12.55 -24.48
CA LEU A 126 20.71 12.08 -23.98
C LEU A 126 21.45 11.45 -25.15
N ASN A 127 22.68 11.87 -25.40
CA ASN A 127 23.42 11.26 -26.51
C ASN A 127 23.84 9.82 -26.16
N GLU A 128 24.23 9.05 -27.16
CA GLU A 128 24.64 7.66 -26.98
C GLU A 128 25.73 7.46 -25.92
N ASP A 129 26.55 8.46 -25.68
CA ASP A 129 27.63 8.36 -24.68
C ASP A 129 27.10 8.45 -23.25
N LEU A 130 25.80 8.68 -23.11
CA LEU A 130 25.16 8.72 -21.79
C LEU A 130 25.78 9.79 -20.90
N LYS A 131 26.45 10.75 -21.52
CA LYS A 131 26.99 11.83 -20.70
C LYS A 131 26.62 13.25 -21.12
N THR A 132 26.37 13.44 -22.41
CA THR A 132 26.01 14.76 -22.92
C THR A 132 24.62 14.79 -23.58
N TRP A 133 24.09 15.99 -23.75
CA TRP A 133 22.72 16.23 -24.18
C TRP A 133 22.71 16.92 -25.53
N THR A 134 21.77 16.54 -26.40
CA THR A 134 21.46 17.33 -27.59
C THR A 134 20.13 18.08 -27.40
N ALA A 135 20.23 19.41 -27.38
CA ALA A 135 19.09 20.32 -27.23
C ALA A 135 18.64 20.80 -28.61
N ALA A 136 17.34 20.71 -28.89
CA ALA A 136 16.82 21.01 -30.23
C ALA A 136 16.65 22.49 -30.56
N ASP A 137 16.64 23.36 -29.55
CA ASP A 137 16.35 24.78 -29.75
C ASP A 137 16.80 25.55 -28.51
N MET A 138 16.56 26.86 -28.48
CA MET A 138 17.01 27.71 -27.38
C MET A 138 16.33 27.42 -26.06
N ALA A 139 15.04 27.12 -26.10
CA ALA A 139 14.37 26.69 -24.87
C ALA A 139 15.10 25.47 -24.27
N ALA A 140 15.32 24.43 -25.07
CA ALA A 140 15.96 23.19 -24.59
C ALA A 140 17.39 23.42 -24.09
N LEU A 141 18.06 24.45 -24.63
CA LEU A 141 19.39 24.84 -24.13
C LEU A 141 19.33 25.28 -22.68
N ILE A 142 18.24 25.91 -22.26
CA ILE A 142 18.11 26.26 -20.84
C ILE A 142 18.09 24.95 -20.03
N THR A 143 17.29 24.00 -20.48
CA THR A 143 17.17 22.73 -19.79
C THR A 143 18.53 22.04 -19.71
N LYS A 144 19.23 21.98 -20.84
CA LYS A 144 20.55 21.38 -20.96
C LYS A 144 21.55 21.93 -19.92
N HIS A 145 21.75 23.24 -19.86
CA HIS A 145 22.68 23.79 -18.89
CA HIS A 145 22.65 23.83 -18.88
C HIS A 145 22.21 23.49 -17.47
N LYS A 146 20.90 23.58 -17.22
CA LYS A 146 20.39 23.25 -15.89
C LYS A 146 20.71 21.77 -15.54
N TRP A 147 20.67 20.91 -16.54
CA TRP A 147 20.84 19.47 -16.29
C TRP A 147 22.32 19.17 -16.12
N GLU A 148 23.15 19.80 -16.96
CA GLU A 148 24.58 19.75 -16.77
C GLU A 148 24.91 20.18 -15.37
N GLN A 149 24.48 21.38 -14.99
CA GLN A 149 24.83 21.87 -13.68
C GLN A 149 24.35 20.93 -12.59
N ALA A 150 23.22 20.27 -12.78
CA ALA A 150 22.70 19.41 -11.71
C ALA A 150 23.20 17.97 -11.71
N GLY A 151 24.07 17.60 -12.64
CA GLY A 151 24.56 16.22 -12.69
C GLY A 151 23.51 15.25 -13.24
N ALA A 152 22.51 15.77 -13.96
CA ALA A 152 21.39 14.93 -14.41
C ALA A 152 21.79 13.72 -15.25
N ALA A 153 22.76 13.86 -16.13
CA ALA A 153 23.16 12.74 -17.00
C ALA A 153 23.69 11.52 -16.25
N GLU A 154 24.40 11.79 -15.16
CA GLU A 154 24.95 10.73 -14.32
C GLU A 154 23.83 9.91 -13.66
N ARG A 155 22.79 10.56 -13.15
CA ARG A 155 21.67 9.81 -12.60
C ARG A 155 20.95 8.96 -13.68
N ASP A 156 20.78 9.52 -14.87
CA ASP A 156 20.18 8.79 -15.99
C ASP A 156 21.02 7.59 -16.35
N ARG A 157 22.31 7.82 -16.48
CA ARG A 157 23.21 6.75 -16.86
C ARG A 157 23.19 5.64 -15.82
N ALA A 158 23.25 6.02 -14.55
CA ALA A 158 23.19 5.02 -13.48
C ALA A 158 21.94 4.14 -13.61
N TYR A 159 20.80 4.78 -13.84
CA TYR A 159 19.54 4.04 -14.04
C TYR A 159 19.58 3.15 -15.31
N LEU A 160 20.00 3.72 -16.42
CA LEU A 160 20.00 2.97 -17.68
C LEU A 160 20.90 1.72 -17.66
N GLU A 161 22.05 1.86 -17.02
CA GLU A 161 23.04 0.77 -16.94
C GLU A 161 22.73 -0.24 -15.86
N GLY A 162 21.95 0.18 -14.87
CA GLY A 162 21.70 -0.65 -13.67
C GLY A 162 20.26 -1.14 -13.66
N ALA A 163 19.37 -0.40 -12.97
CA ALA A 163 18.01 -0.86 -12.78
C ALA A 163 17.34 -1.23 -14.10
N CYS A 164 17.55 -0.43 -15.14
CA CYS A 164 16.88 -0.73 -16.40
C CYS A 164 17.25 -2.13 -16.90
N VAL A 165 18.56 -2.42 -16.95
CA VAL A 165 19.04 -3.69 -17.46
C VAL A 165 18.60 -4.88 -16.57
N GLU A 166 18.69 -4.69 -15.26
CA GLU A 166 18.36 -5.74 -14.26
C GLU A 166 16.87 -6.11 -14.27
N TRP A 167 16.00 -5.12 -14.33
CA TRP A 167 14.55 -5.37 -14.40
C TRP A 167 14.13 -5.92 -15.76
N LEU A 168 14.72 -5.46 -16.83
CA LEU A 168 14.45 -6.08 -18.14
C LEU A 168 14.67 -7.60 -18.07
N ARG A 169 15.79 -8.02 -17.49
CA ARG A 169 16.04 -9.43 -17.24
C ARG A 169 14.91 -10.09 -16.43
N ARG A 170 14.48 -9.44 -15.35
CA ARG A 170 13.42 -9.94 -14.48
CA ARG A 170 13.43 -9.99 -14.51
C ARG A 170 12.12 -10.08 -15.28
N TYR A 171 11.80 -9.06 -16.07
CA TYR A 171 10.54 -9.13 -16.82
C TYR A 171 10.59 -10.26 -17.86
N LEU A 172 11.76 -10.45 -18.46
CA LEU A 172 11.90 -11.54 -19.45
C LEU A 172 11.73 -12.91 -18.77
N GLU A 173 12.30 -13.09 -17.57
CA GLU A 173 12.04 -14.32 -16.81
C GLU A 173 10.55 -14.50 -16.60
N LEU A 174 9.90 -13.47 -16.04
CA LEU A 174 8.46 -13.54 -15.72
C LEU A 174 7.55 -13.86 -16.90
N GLY A 175 7.84 -13.29 -18.06
CA GLY A 175 6.89 -13.32 -19.18
C GLY A 175 7.36 -14.18 -20.35
N ASN A 176 8.39 -14.97 -20.11
CA ASN A 176 9.11 -15.69 -21.17
C ASN A 176 8.17 -16.38 -22.14
N ALA A 177 7.21 -17.13 -21.60
CA ALA A 177 6.36 -18.01 -22.39
C ALA A 177 5.61 -17.24 -23.46
N THR A 178 5.19 -16.02 -23.10
CA THR A 178 4.41 -15.19 -24.01
C THR A 178 5.31 -14.30 -24.82
N LEU A 179 6.24 -13.65 -24.13
CA LEU A 179 7.05 -12.64 -24.80
C LEU A 179 7.84 -13.26 -25.91
N LEU A 180 8.36 -14.46 -25.68
CA LEU A 180 9.30 -15.02 -26.62
C LEU A 180 8.69 -16.13 -27.50
N ARG A 181 7.37 -16.22 -27.54
CA ARG A 181 6.76 -17.18 -28.45
C ARG A 181 6.90 -16.70 -29.89
N THR A 182 6.62 -17.57 -30.86
CA THR A 182 6.37 -17.11 -32.21
C THR A 182 5.07 -17.73 -32.68
N ASP A 183 4.21 -16.95 -33.32
CA ASP A 183 3.11 -17.54 -34.06
C ASP A 183 3.45 -17.30 -35.50
N SER A 184 3.55 -18.38 -36.27
CA SER A 184 3.84 -18.24 -37.69
C SER A 184 2.63 -17.64 -38.43
N PRO A 185 2.91 -16.88 -39.49
CA PRO A 185 1.82 -16.28 -40.26
C PRO A 185 1.07 -17.33 -41.10
N LYS A 186 -0.27 -17.27 -41.07
CA LYS A 186 -1.09 -17.98 -42.03
C LYS A 186 -1.21 -17.09 -43.24
N ALA A 187 -0.81 -17.57 -44.40
CA ALA A 187 -0.72 -16.73 -45.58
C ALA A 187 -1.70 -17.22 -46.62
N HIS A 188 -2.30 -16.33 -47.41
CA HIS A 188 -3.09 -16.82 -48.54
C HIS A 188 -3.16 -15.73 -49.61
N VAL A 189 -3.60 -16.08 -50.80
CA VAL A 189 -3.68 -15.05 -51.83
C VAL A 189 -5.13 -14.88 -52.24
N THR A 190 -5.57 -13.65 -52.40
CA THR A 190 -6.90 -13.42 -52.99
C THR A 190 -6.75 -12.80 -54.37
N HIS A 191 -7.79 -12.98 -55.19
CA HIS A 191 -7.80 -12.63 -56.60
C HIS A 191 -8.95 -11.63 -56.77
N HIS A 192 -8.70 -10.46 -57.36
CA HIS A 192 -9.81 -9.52 -57.57
C HIS A 192 -9.78 -8.93 -58.98
N SER A 193 -10.88 -9.04 -59.69
CA SER A 193 -10.95 -8.52 -61.06
C SER A 193 -10.91 -6.99 -61.13
N ARG A 194 -10.07 -6.43 -62.00
CA ARG A 194 -10.12 -4.98 -62.25
C ARG A 194 -10.28 -4.63 -63.73
N PRO A 195 -11.33 -3.84 -64.07
CA PRO A 195 -11.59 -3.43 -65.45
C PRO A 195 -10.34 -3.45 -66.33
N LYS A 196 -10.52 -3.75 -67.61
CA LYS A 196 -9.41 -3.61 -68.55
C LYS A 196 -8.56 -4.87 -68.57
N ASP A 197 -9.15 -5.98 -68.15
CA ASP A 197 -8.45 -7.25 -68.20
C ASP A 197 -7.23 -7.21 -67.29
N LYS A 198 -7.43 -6.66 -66.09
CA LYS A 198 -6.40 -6.66 -65.06
C LYS A 198 -6.91 -7.41 -63.83
N VAL A 199 -5.97 -7.90 -63.04
CA VAL A 199 -6.32 -8.68 -61.88
C VAL A 199 -5.45 -8.19 -60.77
N THR A 200 -6.04 -7.94 -59.60
CA THR A 200 -5.25 -7.66 -58.41
C THR A 200 -5.07 -8.94 -57.62
N LEU A 201 -3.81 -9.28 -57.33
CA LEU A 201 -3.44 -10.39 -56.43
C LEU A 201 -3.01 -9.79 -55.11
N ARG A 202 -3.65 -10.22 -54.02
CA ARG A 202 -3.31 -9.71 -52.69
C ARG A 202 -2.80 -10.89 -51.88
N CYS A 203 -1.62 -10.71 -51.33
CA CYS A 203 -1.01 -11.73 -50.51
C CYS A 203 -1.13 -11.33 -49.05
N TRP A 204 -1.83 -12.17 -48.28
CA TRP A 204 -2.16 -11.81 -46.93
C TRP A 204 -1.31 -12.67 -46.02
N ALA A 205 -0.95 -12.11 -44.87
CA ALA A 205 -0.35 -12.86 -43.79
C ALA A 205 -1.14 -12.49 -42.57
N LEU A 206 -1.60 -13.48 -41.82
CA LEU A 206 -2.43 -13.17 -40.68
C LEU A 206 -1.95 -14.00 -39.51
N GLY A 207 -2.23 -13.51 -38.29
CA GLY A 207 -2.15 -14.32 -37.08
C GLY A 207 -0.73 -14.53 -36.60
N PHE A 208 0.20 -13.65 -37.03
CA PHE A 208 1.61 -13.83 -36.68
C PHE A 208 2.07 -12.99 -35.49
N TYR A 209 3.12 -13.48 -34.83
CA TYR A 209 3.78 -12.75 -33.74
C TYR A 209 5.23 -13.27 -33.66
N PRO A 210 6.20 -12.38 -33.52
CA PRO A 210 6.09 -10.91 -33.40
C PRO A 210 5.73 -10.22 -34.70
N ALA A 211 5.63 -8.89 -34.61
CA ALA A 211 5.13 -8.05 -35.70
C ALA A 211 6.03 -7.93 -36.94
N ASP A 212 7.33 -8.06 -36.77
CA ASP A 212 8.23 -8.00 -37.96
C ASP A 212 7.96 -9.10 -38.99
N ILE A 213 7.92 -8.74 -40.26
CA ILE A 213 7.59 -9.68 -41.31
C ILE A 213 7.93 -9.01 -42.60
N THR A 214 8.19 -9.78 -43.66
CA THR A 214 8.33 -9.19 -44.97
C THR A 214 7.50 -9.99 -45.96
N LEU A 215 6.86 -9.28 -46.91
CA LEU A 215 6.03 -9.86 -47.91
C LEU A 215 6.57 -9.34 -49.22
N THR A 216 6.74 -10.19 -50.22
CA THR A 216 7.15 -9.72 -51.51
C THR A 216 6.38 -10.45 -52.60
N TRP A 217 6.40 -9.87 -53.77
CA TRP A 217 5.85 -10.52 -54.95
C TRP A 217 6.98 -10.66 -55.96
N GLN A 218 7.03 -11.78 -56.65
CA GLN A 218 8.03 -12.01 -57.66
C GLN A 218 7.36 -12.40 -58.95
N LEU A 219 7.96 -11.95 -60.05
CA LEU A 219 7.66 -12.45 -61.40
C LEU A 219 9.00 -12.83 -62.03
N ASN A 220 9.11 -14.07 -62.49
CA ASN A 220 10.35 -14.58 -63.09
C ASN A 220 11.61 -14.31 -62.24
N GLY A 221 11.49 -14.51 -60.93
CA GLY A 221 12.64 -14.49 -60.05
C GLY A 221 13.03 -13.14 -59.53
N GLU A 222 12.46 -12.07 -60.09
CA GLU A 222 12.71 -10.76 -59.50
C GLU A 222 11.50 -10.21 -58.75
N GLU A 223 11.80 -9.54 -57.63
CA GLU A 223 10.80 -8.90 -56.80
C GLU A 223 10.25 -7.67 -57.51
N LEU A 224 8.93 -7.53 -57.43
CA LEU A 224 8.28 -6.37 -57.95
C LEU A 224 8.51 -5.20 -57.01
N THR A 225 9.30 -4.24 -57.48
CA THR A 225 9.71 -3.08 -56.68
C THR A 225 8.50 -2.18 -56.41
N GLN A 226 8.20 -1.34 -57.38
CA GLN A 226 7.01 -0.50 -57.37
C GLN A 226 5.95 -1.27 -58.16
N ASP A 227 4.74 -0.74 -58.22
CA ASP A 227 3.61 -1.51 -58.78
C ASP A 227 2.92 -2.26 -57.61
N MET A 228 3.69 -2.49 -56.56
CA MET A 228 3.19 -3.18 -55.37
C MET A 228 2.64 -2.23 -54.32
N GLU A 229 1.41 -2.48 -53.88
CA GLU A 229 0.85 -1.82 -52.69
C GLU A 229 1.06 -2.68 -51.43
N LEU A 230 1.40 -2.02 -50.33
CA LEU A 230 1.77 -2.68 -49.08
C LEU A 230 1.19 -1.92 -47.90
N VAL A 231 0.30 -2.53 -47.08
CA VAL A 231 -0.22 -1.78 -45.93
C VAL A 231 0.70 -1.87 -44.75
N GLU A 232 0.62 -0.86 -43.88
CA GLU A 232 1.35 -0.94 -42.65
C GLU A 232 0.87 -2.13 -41.85
N THR A 233 1.79 -2.83 -41.20
CA THR A 233 1.48 -4.00 -40.35
C THR A 233 0.54 -3.51 -39.21
N ARG A 234 -0.51 -4.28 -38.90
CA ARG A 234 -1.56 -3.77 -38.03
C ARG A 234 -1.98 -4.86 -37.04
N PRO A 235 -2.41 -4.42 -35.84
CA PRO A 235 -2.76 -5.40 -34.80
C PRO A 235 -4.14 -5.99 -35.10
N ALA A 236 -4.24 -7.30 -34.96
CA ALA A 236 -5.54 -7.96 -35.04
C ALA A 236 -6.38 -7.69 -33.79
N GLY A 237 -5.74 -7.37 -32.69
CA GLY A 237 -6.49 -7.09 -31.46
C GLY A 237 -6.36 -8.26 -30.47
N ASP A 238 -5.88 -9.42 -30.93
CA ASP A 238 -5.75 -10.59 -30.03
C ASP A 238 -4.28 -10.85 -29.68
N GLY A 239 -3.38 -9.92 -29.95
CA GLY A 239 -1.95 -10.14 -29.70
C GLY A 239 -1.14 -10.48 -30.95
N THR A 240 -1.82 -10.81 -32.05
CA THR A 240 -1.14 -11.10 -33.32
C THR A 240 -1.33 -9.93 -34.28
N PHE A 241 -0.74 -10.08 -35.46
CA PHE A 241 -0.64 -8.97 -36.42
C PHE A 241 -1.02 -9.44 -37.82
N GLN A 242 -1.28 -8.47 -38.69
CA GLN A 242 -1.66 -8.77 -40.10
C GLN A 242 -0.88 -7.86 -41.02
N LYS A 243 -0.73 -8.26 -42.26
CA LYS A 243 -0.18 -7.36 -43.26
C LYS A 243 -0.63 -7.94 -44.58
N TRP A 244 -0.76 -7.11 -45.63
CA TRP A 244 -0.82 -7.63 -46.97
C TRP A 244 -0.06 -6.82 -47.99
N ALA A 245 0.20 -7.44 -49.12
CA ALA A 245 0.86 -6.78 -50.23
C ALA A 245 0.16 -7.21 -51.50
N SER A 246 -0.14 -6.25 -52.37
CA SER A 246 -0.75 -6.59 -53.66
C SER A 246 0.00 -6.06 -54.86
N VAL A 247 -0.25 -6.69 -56.00
CA VAL A 247 0.23 -6.23 -57.28
C VAL A 247 -0.91 -6.40 -58.27
N VAL A 248 -0.88 -5.61 -59.34
CA VAL A 248 -1.88 -5.69 -60.42
C VAL A 248 -1.20 -6.33 -61.60
N VAL A 249 -1.86 -7.32 -62.21
CA VAL A 249 -1.24 -8.17 -63.22
C VAL A 249 -2.24 -8.42 -64.32
N PRO A 250 -1.77 -8.85 -65.49
CA PRO A 250 -2.61 -9.12 -66.67
C PRO A 250 -3.55 -10.31 -66.49
N LEU A 251 -4.81 -10.16 -66.89
CA LEU A 251 -5.75 -11.27 -66.77
C LEU A 251 -5.11 -12.41 -67.52
N GLY A 252 -5.16 -13.61 -66.94
CA GLY A 252 -4.60 -14.81 -67.59
C GLY A 252 -3.12 -15.08 -67.27
N LYS A 253 -2.45 -14.17 -66.59
CA LYS A 253 -1.03 -14.37 -66.28
C LYS A 253 -0.79 -14.59 -64.77
N GLU A 254 -1.88 -14.72 -64.02
CA GLU A 254 -1.76 -14.81 -62.56
C GLU A 254 -0.70 -15.81 -62.17
N GLN A 255 -0.60 -16.90 -62.91
CA GLN A 255 0.16 -18.01 -62.37
C GLN A 255 1.68 -17.85 -62.44
N ASN A 256 2.16 -16.76 -63.05
CA ASN A 256 3.60 -16.50 -63.12
C ASN A 256 4.07 -15.70 -61.90
N TYR A 257 3.12 -15.28 -61.07
CA TYR A 257 3.47 -14.46 -59.90
C TYR A 257 3.42 -15.30 -58.65
N THR A 258 4.40 -15.07 -57.79
CA THR A 258 4.49 -15.77 -56.50
C THR A 258 4.65 -14.79 -55.34
N CYS A 259 4.01 -15.09 -54.22
CA CYS A 259 4.15 -14.24 -53.05
C CYS A 259 5.10 -14.95 -52.10
N HIS A 260 5.93 -14.17 -51.40
CA HIS A 260 6.91 -14.74 -50.48
C HIS A 260 6.75 -14.14 -49.13
N VAL A 261 6.76 -14.99 -48.10
CA VAL A 261 6.52 -14.49 -46.76
C VAL A 261 7.70 -14.88 -45.89
N TYR A 262 8.31 -13.89 -45.23
CA TYR A 262 9.51 -14.10 -44.42
C TYR A 262 9.15 -13.78 -42.99
N HIS A 263 9.28 -14.73 -42.09
CA HIS A 263 8.98 -14.41 -40.70
C HIS A 263 9.83 -15.31 -39.84
N GLU A 264 10.21 -14.86 -38.65
CA GLU A 264 11.11 -15.62 -37.77
C GLU A 264 10.43 -16.89 -37.25
N GLY A 265 9.09 -16.94 -37.32
CA GLY A 265 8.37 -18.15 -36.89
C GLY A 265 8.28 -19.23 -37.94
N LEU A 266 8.70 -18.94 -39.17
CA LEU A 266 8.80 -19.96 -40.20
C LEU A 266 10.21 -20.58 -40.30
N PRO A 267 10.31 -21.90 -40.44
CA PRO A 267 11.63 -22.53 -40.66
C PRO A 267 12.26 -22.09 -41.98
N GLU A 268 11.44 -21.81 -42.98
CA GLU A 268 11.93 -21.18 -44.20
C GLU A 268 10.80 -20.36 -44.77
N PRO A 269 11.12 -19.37 -45.61
CA PRO A 269 10.08 -18.50 -46.13
C PRO A 269 8.97 -19.27 -46.84
N LEU A 270 7.77 -18.70 -46.91
CA LEU A 270 6.65 -19.38 -47.58
C LEU A 270 6.64 -18.89 -49.00
N THR A 271 6.21 -19.74 -49.92
CA THR A 271 5.97 -19.35 -51.31
C THR A 271 4.53 -19.76 -51.70
N LEU A 272 3.75 -18.82 -52.22
CA LEU A 272 2.32 -19.07 -52.55
C LEU A 272 2.09 -18.56 -53.96
N ARG A 273 1.17 -19.18 -54.69
CA ARG A 273 0.79 -18.63 -55.98
C ARG A 273 -0.69 -18.89 -56.17
N TRP A 274 -1.33 -18.11 -57.03
CA TRP A 274 -2.79 -18.20 -57.09
C TRP A 274 -3.28 -19.57 -57.52
N MET B 1 2.21 24.92 -32.35
CA MET B 1 2.22 23.43 -32.37
C MET B 1 1.77 22.87 -33.74
N ILE B 2 2.46 21.84 -34.20
CA ILE B 2 2.24 21.36 -35.54
C ILE B 2 1.32 20.15 -35.54
N GLN B 3 0.25 20.18 -36.32
CA GLN B 3 -0.69 19.06 -36.27
C GLN B 3 -0.28 17.95 -37.24
N LYS B 4 -0.63 16.71 -36.91
CA LYS B 4 -0.25 15.61 -37.73
C LYS B 4 -1.57 14.94 -38.03
N THR B 5 -1.85 14.73 -39.32
CA THR B 5 -3.09 14.08 -39.79
C THR B 5 -3.08 12.55 -39.52
N PRO B 6 -4.15 12.01 -38.92
CA PRO B 6 -4.18 10.58 -38.63
C PRO B 6 -4.25 9.76 -39.91
N GLN B 7 -3.65 8.58 -39.86
CA GLN B 7 -3.81 7.62 -40.97
C GLN B 7 -4.74 6.57 -40.36
N ILE B 8 -5.58 5.96 -41.18
CA ILE B 8 -6.63 5.10 -40.67
C ILE B 8 -6.66 3.80 -41.46
N GLN B 9 -6.72 2.66 -40.78
CA GLN B 9 -7.07 1.42 -41.51
C GLN B 9 -8.29 0.81 -40.86
N VAL B 10 -9.15 0.28 -41.71
CA VAL B 10 -10.38 -0.34 -41.19
C VAL B 10 -10.36 -1.77 -41.70
N TYR B 11 -10.52 -2.74 -40.80
CA TYR B 11 -10.31 -4.12 -41.25
C TYR B 11 -10.82 -5.08 -40.21
N SER B 12 -11.12 -6.31 -40.60
CA SER B 12 -11.63 -7.31 -39.65
C SER B 12 -10.50 -8.06 -38.99
N ARG B 13 -10.75 -8.54 -37.77
CA ARG B 13 -9.80 -9.36 -37.04
C ARG B 13 -9.55 -10.67 -37.78
N HIS B 14 -10.62 -11.30 -38.27
CA HIS B 14 -10.51 -12.57 -39.02
C HIS B 14 -11.01 -12.37 -40.45
N PRO B 15 -10.57 -13.22 -41.39
CA PRO B 15 -11.11 -13.18 -42.75
C PRO B 15 -12.65 -13.22 -42.74
N PRO B 16 -13.31 -12.35 -43.52
CA PRO B 16 -14.73 -12.24 -43.21
C PRO B 16 -15.55 -13.31 -43.89
N GLU B 17 -16.44 -13.93 -43.13
CA GLU B 17 -17.42 -14.84 -43.68
C GLU B 17 -18.80 -14.31 -43.31
N ASN B 18 -19.56 -13.84 -44.29
CA ASN B 18 -20.94 -13.40 -44.06
C ASN B 18 -21.62 -14.26 -43.03
N GLY B 19 -22.25 -13.62 -42.07
CA GLY B 19 -23.10 -14.30 -41.13
C GLY B 19 -22.31 -14.86 -40.00
N LYS B 20 -21.01 -14.68 -40.04
CA LYS B 20 -20.25 -15.08 -38.89
C LYS B 20 -19.76 -13.91 -38.08
N PRO B 21 -20.01 -13.97 -36.80
CA PRO B 21 -19.50 -12.96 -35.88
C PRO B 21 -17.96 -12.90 -35.86
N ASN B 22 -17.45 -11.66 -35.80
CA ASN B 22 -16.08 -11.33 -36.10
C ASN B 22 -15.79 -10.07 -35.25
N ILE B 23 -14.66 -9.41 -35.49
CA ILE B 23 -14.39 -8.15 -34.80
C ILE B 23 -13.89 -7.14 -35.85
N LEU B 24 -14.46 -5.93 -35.86
CA LEU B 24 -14.06 -4.86 -36.79
C LEU B 24 -13.10 -3.91 -36.12
N ASN B 25 -11.95 -3.67 -36.75
CA ASN B 25 -10.97 -2.78 -36.15
C ASN B 25 -10.92 -1.44 -36.87
N CYS B 26 -10.68 -0.39 -36.12
CA CYS B 26 -10.29 0.87 -36.73
C CYS B 26 -8.99 1.30 -36.06
N TYR B 27 -7.92 1.31 -36.82
CA TYR B 27 -6.55 1.47 -36.29
C TYR B 27 -6.08 2.83 -36.76
N VAL B 28 -5.90 3.73 -35.81
CA VAL B 28 -5.69 5.12 -36.17
C VAL B 28 -4.35 5.59 -35.64
N THR B 29 -3.47 6.08 -36.52
CA THR B 29 -2.07 6.27 -36.17
C THR B 29 -1.54 7.62 -36.71
N GLN B 30 -0.32 7.95 -36.30
CA GLN B 30 0.43 9.09 -36.82
C GLN B 30 -0.22 10.43 -36.59
N PHE B 31 -0.90 10.61 -35.45
CA PHE B 31 -1.54 11.89 -35.26
C PHE B 31 -1.05 12.70 -34.07
N HIS B 32 -1.28 14.04 -34.16
CA HIS B 32 -0.95 15.03 -33.10
C HIS B 32 -1.86 16.24 -33.31
N PRO B 33 -2.46 16.81 -32.25
CA PRO B 33 -2.48 16.47 -30.84
C PRO B 33 -3.23 15.16 -30.50
N PRO B 34 -3.13 14.67 -29.22
CA PRO B 34 -3.61 13.35 -28.87
C PRO B 34 -5.15 13.32 -28.77
N HIS B 35 -5.80 14.45 -28.52
CA HIS B 35 -7.30 14.40 -28.51
C HIS B 35 -7.81 13.94 -29.87
N ILE B 36 -8.71 12.97 -29.87
CA ILE B 36 -9.29 12.47 -31.11
C ILE B 36 -10.67 11.91 -30.79
N GLU B 37 -11.57 11.91 -31.77
CA GLU B 37 -12.87 11.29 -31.58
C GLU B 37 -13.05 10.29 -32.68
N ILE B 38 -13.37 9.07 -32.30
CA ILE B 38 -13.48 8.00 -33.28
C ILE B 38 -14.83 7.34 -33.05
N GLN B 39 -15.62 7.24 -34.13
CA GLN B 39 -16.90 6.54 -34.09
C GLN B 39 -16.81 5.42 -35.08
N MET B 40 -17.45 4.29 -34.78
CA MET B 40 -17.54 3.24 -35.74
C MET B 40 -18.99 3.14 -36.19
N LEU B 41 -19.20 2.90 -37.48
CA LEU B 41 -20.54 3.03 -38.05
C LEU B 41 -20.98 1.72 -38.71
N LYS B 42 -22.29 1.45 -38.60
CA LYS B 42 -22.92 0.36 -39.32
C LYS B 42 -24.10 0.96 -40.05
N ASN B 43 -24.09 0.87 -41.37
CA ASN B 43 -25.10 1.53 -42.19
C ASN B 43 -25.30 2.99 -41.81
N GLY B 44 -24.19 3.72 -41.70
CA GLY B 44 -24.21 5.17 -41.42
C GLY B 44 -24.58 5.61 -40.01
N LYS B 45 -24.93 4.65 -39.15
CA LYS B 45 -25.38 4.96 -37.78
C LYS B 45 -24.35 4.50 -36.76
N LYS B 46 -24.19 5.29 -35.70
CA LYS B 46 -23.23 5.00 -34.64
C LYS B 46 -23.43 3.64 -33.99
N ILE B 47 -22.37 2.83 -33.92
CA ILE B 47 -22.42 1.58 -33.20
C ILE B 47 -22.15 1.88 -31.74
N PRO B 48 -23.07 1.49 -30.85
CA PRO B 48 -22.93 2.06 -29.51
C PRO B 48 -21.86 1.38 -28.64
N LYS B 49 -21.48 0.14 -28.94
CA LYS B 49 -20.56 -0.56 -28.05
C LYS B 49 -19.18 -0.73 -28.68
N VAL B 50 -18.44 0.37 -28.67
CA VAL B 50 -17.14 0.44 -29.33
C VAL B 50 -16.03 0.55 -28.29
N GLU B 51 -15.09 -0.39 -28.31
CA GLU B 51 -13.96 -0.29 -27.37
C GLU B 51 -12.76 0.43 -27.95
N MET B 52 -12.00 1.07 -27.09
CA MET B 52 -10.89 1.84 -27.58
C MET B 52 -9.75 1.72 -26.60
N SER B 53 -8.53 1.59 -27.13
CA SER B 53 -7.32 1.56 -26.31
C SER B 53 -7.09 2.96 -25.69
N ASP B 54 -6.20 3.04 -24.71
CA ASP B 54 -5.92 4.34 -24.08
C ASP B 54 -4.78 5.11 -24.78
N MET B 55 -4.75 6.43 -24.60
CA MET B 55 -3.73 7.33 -25.17
C MET B 55 -2.31 6.72 -25.08
N SER B 56 -1.61 6.67 -26.24
CA SER B 56 -0.40 5.86 -26.45
C SER B 56 0.34 6.38 -27.67
N PHE B 57 1.68 6.38 -27.65
CA PHE B 57 2.38 6.93 -28.80
C PHE B 57 3.55 6.08 -29.22
N SER B 58 4.02 6.31 -30.43
CA SER B 58 5.05 5.47 -30.95
C SER B 58 6.36 6.25 -30.93
N LYS B 59 7.43 5.62 -31.40
CA LYS B 59 8.75 6.16 -31.11
C LYS B 59 9.05 7.41 -31.96
N ASP B 60 8.25 7.68 -33.00
CA ASP B 60 8.36 9.00 -33.65
C ASP B 60 7.53 10.12 -32.96
N TRP B 61 6.98 9.81 -31.77
CA TRP B 61 6.21 10.75 -30.94
C TRP B 61 4.72 10.79 -31.27
N SER B 62 4.30 10.21 -32.41
CA SER B 62 2.92 10.32 -32.89
C SER B 62 2.01 9.34 -32.17
N PHE B 63 0.76 9.76 -31.95
CA PHE B 63 -0.21 9.02 -31.13
C PHE B 63 -0.94 7.97 -31.97
N TYR B 64 -1.45 6.93 -31.34
CA TYR B 64 -2.18 5.96 -32.11
C TYR B 64 -3.28 5.38 -31.23
N ILE B 65 -4.29 4.85 -31.86
CA ILE B 65 -5.41 4.31 -31.13
C ILE B 65 -5.98 3.13 -31.94
N LEU B 66 -6.32 2.05 -31.26
CA LEU B 66 -7.03 0.95 -31.86
C LEU B 66 -8.47 0.89 -31.29
N ALA B 67 -9.45 1.10 -32.15
CA ALA B 67 -10.85 1.00 -31.71
C ALA B 67 -11.39 -0.28 -32.30
N HIS B 68 -12.32 -0.95 -31.62
CA HIS B 68 -12.88 -2.16 -32.23
C HIS B 68 -14.27 -2.43 -31.68
N THR B 69 -15.03 -3.21 -32.47
CA THR B 69 -16.39 -3.58 -32.09
C THR B 69 -16.78 -4.92 -32.72
N GLU B 70 -17.71 -5.64 -32.09
CA GLU B 70 -18.25 -6.86 -32.69
C GLU B 70 -19.02 -6.52 -33.98
N PHE B 71 -19.02 -7.44 -34.95
CA PHE B 71 -19.85 -7.21 -36.12
C PHE B 71 -20.03 -8.49 -36.91
N THR B 72 -21.07 -8.52 -37.72
CA THR B 72 -21.33 -9.65 -38.60
C THR B 72 -21.46 -9.13 -40.01
N PRO B 73 -20.42 -9.37 -40.83
CA PRO B 73 -20.55 -8.93 -42.20
C PRO B 73 -21.72 -9.69 -42.80
N THR B 74 -22.36 -9.08 -43.78
CA THR B 74 -23.40 -9.73 -44.56
C THR B 74 -23.18 -9.02 -45.87
N GLU B 75 -23.81 -9.49 -46.93
CA GLU B 75 -23.50 -8.93 -48.24
C GLU B 75 -24.01 -7.52 -48.40
N THR B 76 -24.95 -7.12 -47.55
CA THR B 76 -25.61 -5.86 -47.75
C THR B 76 -25.22 -4.73 -46.75
N ASP B 77 -24.88 -5.09 -45.51
CA ASP B 77 -24.51 -4.09 -44.48
C ASP B 77 -23.15 -3.42 -44.76
N THR B 78 -23.09 -2.11 -44.58
CA THR B 78 -21.83 -1.37 -44.67
C THR B 78 -21.28 -1.04 -43.29
N TYR B 79 -19.97 -0.87 -43.21
CA TYR B 79 -19.38 -0.46 -41.96
C TYR B 79 -18.31 0.57 -42.27
N ALA B 80 -18.00 1.40 -41.29
CA ALA B 80 -17.05 2.47 -41.54
C ALA B 80 -16.49 2.97 -40.20
N CYS B 81 -15.42 3.75 -40.26
CA CYS B 81 -14.90 4.39 -39.07
C CYS B 81 -14.83 5.86 -39.43
N ARG B 82 -15.19 6.72 -38.50
CA ARG B 82 -15.25 8.13 -38.81
C ARG B 82 -14.44 8.78 -37.77
N VAL B 83 -13.41 9.53 -38.19
CA VAL B 83 -12.46 10.09 -37.24
C VAL B 83 -12.49 11.63 -37.29
N LYS B 84 -12.60 12.25 -36.13
CA LYS B 84 -12.67 13.70 -36.05
C LYS B 84 -11.45 14.14 -35.25
N HIS B 85 -10.63 14.97 -35.88
CA HIS B 85 -9.36 15.36 -35.30
C HIS B 85 -9.03 16.80 -35.76
N ASP B 86 -8.42 17.60 -34.87
CA ASP B 86 -8.12 19.01 -35.16
C ASP B 86 -7.28 19.28 -36.41
N SER B 87 -6.57 18.26 -36.93
CA SER B 87 -5.80 18.41 -38.17
C SER B 87 -6.69 18.57 -39.40
N MET B 88 -7.96 18.17 -39.32
CA MET B 88 -8.85 18.20 -40.49
C MET B 88 -10.13 18.92 -40.13
N ALA B 89 -10.57 19.85 -40.98
CA ALA B 89 -11.75 20.62 -40.69
C ALA B 89 -12.95 19.71 -40.65
N GLU B 90 -12.97 18.68 -41.49
CA GLU B 90 -14.11 17.79 -41.57
C GLU B 90 -13.73 16.39 -41.05
N PRO B 91 -14.70 15.65 -40.49
CA PRO B 91 -14.36 14.29 -40.09
C PRO B 91 -14.00 13.46 -41.33
N LYS B 92 -13.11 12.48 -41.15
CA LYS B 92 -12.71 11.55 -42.20
C LYS B 92 -13.41 10.20 -41.96
N THR B 93 -14.07 9.69 -43.00
CA THR B 93 -14.82 8.45 -42.92
C THR B 93 -14.19 7.42 -43.85
N VAL B 94 -13.79 6.30 -43.26
CA VAL B 94 -13.13 5.27 -44.03
C VAL B 94 -14.03 4.05 -43.96
N TYR B 95 -14.46 3.56 -45.12
CA TYR B 95 -15.38 2.43 -45.15
C TYR B 95 -14.64 1.09 -45.06
N TRP B 96 -15.21 0.12 -44.37
CA TRP B 96 -14.64 -1.20 -44.38
C TRP B 96 -14.85 -1.84 -45.74
N ASP B 97 -13.76 -2.38 -46.32
CA ASP B 97 -13.79 -3.12 -47.60
C ASP B 97 -13.27 -4.52 -47.32
N ARG B 98 -14.13 -5.54 -47.48
CA ARG B 98 -13.76 -6.93 -47.21
C ARG B 98 -12.53 -7.41 -47.98
N ASP B 99 -12.18 -6.72 -49.07
CA ASP B 99 -10.99 -7.11 -49.83
C ASP B 99 -9.67 -6.54 -49.28
N MET B 100 -9.72 -5.78 -48.18
CA MET B 100 -8.52 -5.06 -47.71
C MET B 100 -8.36 -5.12 -46.17
N VAL C 1 11.26 -1.33 -14.14
CA VAL C 1 10.64 -0.26 -13.29
C VAL C 1 10.97 1.10 -13.82
N ASN C 2 10.02 2.04 -13.68
CA ASN C 2 10.28 3.41 -14.02
C ASN C 2 10.91 4.15 -12.83
N ASP C 3 11.62 5.24 -13.12
CA ASP C 3 12.19 6.11 -12.09
C ASP C 3 11.66 7.52 -12.24
N ILE C 4 12.09 8.43 -11.36
CA ILE C 4 11.66 9.79 -11.45
C ILE C 4 12.27 10.44 -12.71
N PHE C 5 11.56 11.42 -13.27
CA PHE C 5 12.12 12.23 -14.37
C PHE C 5 12.51 13.62 -13.86
N GLU C 6 13.72 14.04 -14.14
CA GLU C 6 14.15 15.34 -13.70
C GLU C 6 13.41 16.45 -14.42
N ALA C 7 12.99 17.45 -13.66
CA ALA C 7 12.27 18.57 -14.21
C ALA C 7 13.06 19.30 -15.29
N ILE C 8 12.37 19.79 -16.33
CA ILE C 8 13.06 20.58 -17.36
C ILE C 8 13.24 22.04 -16.90
N GLY D 1 -24.39 -0.79 36.32
CA GLY D 1 -22.92 -0.69 35.99
C GLY D 1 -22.68 -0.93 34.50
N SER D 2 -21.63 -0.30 33.98
CA SER D 2 -21.27 -0.40 32.60
C SER D 2 -20.21 -1.47 32.39
N HIS D 3 -20.15 -1.97 31.17
CA HIS D 3 -19.14 -2.95 30.80
C HIS D 3 -18.60 -2.60 29.41
N SER D 4 -17.46 -3.18 29.07
CA SER D 4 -16.87 -2.83 27.81
C SER D 4 -16.18 -4.08 27.26
N LEU D 5 -16.18 -4.18 25.93
CA LEU D 5 -15.33 -5.15 25.25
C LEU D 5 -14.35 -4.32 24.41
N ARG D 6 -13.06 -4.56 24.56
CA ARG D 6 -12.04 -3.81 23.84
C ARG D 6 -10.88 -4.69 23.32
N TYR D 7 -10.47 -4.40 22.08
CA TYR D 7 -9.28 -5.03 21.47
C TYR D 7 -8.15 -3.99 21.30
N PHE D 8 -6.94 -4.35 21.74
CA PHE D 8 -5.73 -3.54 21.64
C PHE D 8 -4.78 -4.34 20.76
N VAL D 9 -4.21 -3.69 19.75
CA VAL D 9 -3.51 -4.37 18.73
C VAL D 9 -2.26 -3.57 18.46
N THR D 10 -1.12 -4.25 18.21
CA THR D 10 0.17 -3.59 17.97
C THR D 10 0.92 -4.34 16.87
N ALA D 11 1.35 -3.63 15.84
CA ALA D 11 2.28 -4.14 14.85
C ALA D 11 3.57 -3.33 15.01
N VAL D 12 4.72 -4.02 15.09
CA VAL D 12 5.99 -3.33 15.28
C VAL D 12 6.93 -3.83 14.21
N SER D 13 7.47 -2.93 13.40
CA SER D 13 8.43 -3.32 12.37
C SER D 13 9.85 -3.52 12.90
N ARG D 14 10.61 -4.40 12.25
CA ARG D 14 12.00 -4.60 12.66
C ARG D 14 12.79 -4.89 11.38
N PRO D 15 13.14 -3.82 10.64
CA PRO D 15 13.74 -4.05 9.33
C PRO D 15 14.99 -4.92 9.45
N GLY D 16 15.14 -5.90 8.58
CA GLY D 16 16.30 -6.79 8.60
C GLY D 16 16.31 -7.79 9.73
N HIS D 17 15.26 -7.77 10.56
CA HIS D 17 15.08 -8.78 11.60
C HIS D 17 13.77 -9.55 11.35
N GLY D 18 13.51 -9.89 10.09
CA GLY D 18 12.27 -10.55 9.71
C GLY D 18 11.08 -9.60 9.65
N LYS D 19 9.90 -10.16 9.41
CA LYS D 19 8.70 -9.38 9.29
C LYS D 19 8.21 -8.78 10.64
N PRO D 20 7.31 -7.81 10.57
CA PRO D 20 6.89 -7.13 11.81
C PRO D 20 6.27 -8.10 12.81
N ARG D 21 6.38 -7.79 14.11
CA ARG D 21 5.67 -8.56 15.09
C ARG D 21 4.24 -8.02 15.19
N TYR D 22 3.29 -8.89 15.54
CA TYR D 22 1.89 -8.47 15.59
C TYR D 22 1.22 -9.09 16.82
N MET D 23 0.52 -8.28 17.61
CA MET D 23 -0.17 -8.80 18.80
C MET D 23 -1.62 -8.29 18.84
N GLU D 24 -2.58 -9.16 19.19
CA GLU D 24 -3.96 -8.69 19.50
C GLU D 24 -4.28 -9.09 20.93
N VAL D 25 -4.88 -8.19 21.66
CA VAL D 25 -5.33 -8.55 23.01
C VAL D 25 -6.78 -8.11 23.19
N GLY D 26 -7.61 -8.98 23.78
CA GLY D 26 -8.99 -8.65 24.03
C GLY D 26 -9.19 -8.50 25.53
N TYR D 27 -9.97 -7.50 25.92
CA TYR D 27 -10.33 -7.30 27.33
C TYR D 27 -11.84 -7.18 27.52
N VAL D 28 -12.36 -7.81 28.57
CA VAL D 28 -13.73 -7.57 29.02
C VAL D 28 -13.62 -6.81 30.33
N ASP D 29 -14.27 -5.65 30.34
CA ASP D 29 -13.92 -4.59 31.24
C ASP D 29 -12.37 -4.45 31.19
N ASP D 30 -11.62 -4.88 32.18
CA ASP D 30 -10.19 -4.64 32.08
C ASP D 30 -9.43 -5.91 32.24
N THR D 31 -10.15 -7.02 32.15
CA THR D 31 -9.54 -8.32 32.28
C THR D 31 -9.17 -8.88 30.94
N GLU D 32 -7.89 -9.20 30.75
CA GLU D 32 -7.47 -9.79 29.51
C GLU D 32 -8.13 -11.17 29.33
N PHE D 33 -8.81 -11.42 28.21
CA PHE D 33 -9.48 -12.76 28.02
C PHE D 33 -9.05 -13.57 26.76
N VAL D 34 -8.39 -12.92 25.82
CA VAL D 34 -7.87 -13.59 24.62
C VAL D 34 -6.63 -12.85 24.15
N ARG D 35 -5.70 -13.57 23.51
CA ARG D 35 -4.48 -12.96 22.99
C ARG D 35 -3.99 -13.76 21.78
N PHE D 36 -3.62 -13.03 20.76
CA PHE D 36 -2.93 -13.54 19.59
C PHE D 36 -1.54 -12.92 19.57
N ASP D 37 -0.54 -13.74 19.29
CA ASP D 37 0.85 -13.28 19.27
C ASP D 37 1.58 -13.91 18.09
N SER D 38 1.95 -13.10 17.09
CA SER D 38 2.56 -13.64 15.87
C SER D 38 3.88 -14.35 16.16
N ASP D 39 4.48 -14.11 17.30
CA ASP D 39 5.80 -14.68 17.54
C ASP D 39 5.73 -16.05 18.23
N ALA D 40 4.56 -16.43 18.73
CA ALA D 40 4.40 -17.73 19.37
C ALA D 40 4.82 -18.83 18.41
N GLU D 41 5.14 -20.00 18.95
CA GLU D 41 5.58 -21.12 18.12
C GLU D 41 4.60 -21.42 16.97
N ASN D 42 3.33 -21.63 17.32
CA ASN D 42 2.26 -21.75 16.31
C ASN D 42 1.18 -20.68 16.59
N PRO D 43 1.25 -19.55 15.89
CA PRO D 43 0.42 -18.42 16.29
C PRO D 43 -1.08 -18.69 16.14
N ARG D 44 -1.83 -18.47 17.19
CA ARG D 44 -3.29 -18.61 17.12
C ARG D 44 -3.91 -17.79 18.24
N TYR D 45 -5.19 -17.44 18.11
CA TYR D 45 -5.87 -16.86 19.24
C TYR D 45 -5.88 -17.86 20.37
N GLU D 46 -5.64 -17.41 21.59
CA GLU D 46 -5.73 -18.30 22.74
C GLU D 46 -6.51 -17.72 23.92
N PRO D 47 -7.19 -18.61 24.66
CA PRO D 47 -7.93 -18.22 25.85
C PRO D 47 -6.93 -17.72 26.90
N ARG D 48 -7.29 -16.68 27.64
CA ARG D 48 -6.40 -16.12 28.66
C ARG D 48 -7.03 -16.16 30.03
N THR D 49 -8.15 -16.86 30.08
CA THR D 49 -9.01 -16.88 31.24
C THR D 49 -9.70 -18.27 31.23
N PRO D 50 -9.91 -18.88 32.42
CA PRO D 50 -10.46 -20.26 32.36
C PRO D 50 -11.84 -20.28 31.76
N TRP D 51 -12.64 -19.24 31.99
CA TRP D 51 -13.99 -19.23 31.43
C TRP D 51 -14.04 -19.16 29.89
N MET D 52 -12.93 -18.75 29.26
CA MET D 52 -12.88 -18.88 27.79
C MET D 52 -12.62 -20.29 27.26
N GLU D 53 -12.20 -21.23 28.11
CA GLU D 53 -11.94 -22.59 27.62
C GLU D 53 -13.22 -23.23 27.12
N GLN D 54 -14.36 -22.67 27.49
CA GLN D 54 -15.62 -23.35 27.17
C GLN D 54 -16.17 -23.09 25.78
N VAL D 55 -15.64 -22.10 25.05
CA VAL D 55 -16.20 -21.77 23.75
C VAL D 55 -15.94 -22.87 22.72
N GLU D 56 -16.75 -22.86 21.67
CA GLU D 56 -16.74 -23.88 20.62
C GLU D 56 -15.43 -23.77 19.80
N PRO D 57 -14.92 -24.91 19.32
CA PRO D 57 -13.72 -24.87 18.48
C PRO D 57 -13.81 -23.84 17.36
N GLU D 58 -15.00 -23.62 16.79
CA GLU D 58 -15.10 -22.74 15.60
C GLU D 58 -14.71 -21.32 15.96
N TYR D 59 -14.89 -20.98 17.23
CA TYR D 59 -14.55 -19.65 17.73
C TYR D 59 -13.07 -19.37 17.45
N TRP D 60 -12.23 -20.31 17.88
CA TRP D 60 -10.79 -20.12 17.70
C TRP D 60 -10.39 -20.11 16.23
N GLU D 61 -11.05 -20.94 15.42
CA GLU D 61 -10.74 -21.03 13.99
C GLU D 61 -10.99 -19.68 13.37
N GLY D 62 -12.16 -19.13 13.62
CA GLY D 62 -12.52 -17.87 12.96
C GLY D 62 -11.70 -16.67 13.44
N GLN D 63 -11.50 -16.59 14.75
CA GLN D 63 -10.73 -15.48 15.32
C GLN D 63 -9.25 -15.54 14.91
N THR D 64 -8.72 -16.76 14.75
CA THR D 64 -7.33 -16.88 14.29
C THR D 64 -7.18 -16.44 12.85
N GLN D 65 -8.15 -16.75 12.00
CA GLN D 65 -8.16 -16.27 10.63
C GLN D 65 -8.26 -14.75 10.57
N ILE D 66 -9.08 -14.13 11.42
CA ILE D 66 -9.17 -12.69 11.45
C ILE D 66 -7.82 -12.13 11.90
N ALA D 67 -7.24 -12.66 12.97
CA ALA D 67 -5.97 -12.11 13.43
C ALA D 67 -4.85 -12.22 12.36
N LYS D 68 -4.79 -13.35 11.67
CA LYS D 68 -3.85 -13.49 10.54
C LYS D 68 -4.04 -12.52 9.38
N GLY D 69 -5.29 -12.29 8.97
CA GLY D 69 -5.58 -11.22 8.01
C GLY D 69 -5.21 -9.82 8.56
N ASN D 70 -5.41 -9.54 9.86
CA ASN D 70 -5.00 -8.23 10.40
C ASN D 70 -3.48 -8.13 10.46
N GLU D 71 -2.84 -9.26 10.81
CA GLU D 71 -1.40 -9.27 10.76
C GLU D 71 -0.88 -8.87 9.36
N GLN D 72 -1.31 -9.54 8.32
CA GLN D 72 -0.83 -9.21 6.97
C GLN D 72 -1.15 -7.75 6.60
N SER D 73 -2.37 -7.29 6.88
CA SER D 73 -2.74 -5.94 6.48
C SER D 73 -1.97 -4.87 7.28
N SER D 74 -1.67 -5.16 8.55
CA SER D 74 -0.91 -4.21 9.34
C SER D 74 0.53 -4.09 8.85
N ARG D 75 1.08 -5.13 8.21
CA ARG D 75 2.40 -4.99 7.57
C ARG D 75 2.33 -3.96 6.46
N VAL D 76 1.23 -4.01 5.72
CA VAL D 76 0.99 -3.09 4.63
C VAL D 76 0.85 -1.67 5.21
N ASP D 77 0.06 -1.52 6.26
CA ASP D 77 -0.07 -0.21 6.95
C ASP D 77 1.27 0.39 7.35
N LEU D 78 2.18 -0.40 7.91
CA LEU D 78 3.52 0.10 8.30
C LEU D 78 4.28 0.68 7.10
N ARG D 79 4.23 -0.01 5.95
CA ARG D 79 4.85 0.54 4.73
C ARG D 79 4.16 1.83 4.25
N THR D 80 2.84 1.82 4.28
CA THR D 80 2.07 2.97 3.88
C THR D 80 2.40 4.19 4.76
N ALA D 81 2.42 4.01 6.08
CA ALA D 81 2.79 5.11 6.96
C ALA D 81 4.14 5.67 6.59
N LEU D 82 5.15 4.82 6.37
CA LEU D 82 6.50 5.32 5.98
C LEU D 82 6.42 6.21 4.74
N ARG D 83 5.61 5.78 3.78
CA ARG D 83 5.43 6.53 2.55
C ARG D 83 4.70 7.84 2.83
N TYR D 84 3.58 7.80 3.54
CA TYR D 84 2.79 9.02 3.84
C TYR D 84 3.64 10.07 4.56
N TYR D 85 4.43 9.64 5.54
CA TYR D 85 5.35 10.56 6.29
C TYR D 85 6.64 10.91 5.57
N ASN D 86 6.89 10.30 4.41
CA ASN D 86 8.23 10.35 3.77
C ASN D 86 9.39 10.10 4.75
N GLN D 87 9.27 9.08 5.59
CA GLN D 87 10.37 8.81 6.52
C GLN D 87 11.44 7.96 5.91
N SER D 88 12.67 8.09 6.40
CA SER D 88 13.75 7.20 5.95
C SER D 88 13.52 5.77 6.35
N ALA D 89 14.12 4.86 5.55
CA ALA D 89 13.92 3.41 5.69
C ALA D 89 14.79 2.90 6.81
N GLY D 90 14.50 1.71 7.31
CA GLY D 90 15.45 1.03 8.22
C GLY D 90 15.22 1.23 9.71
N GLY D 91 14.19 1.99 10.10
CA GLY D 91 13.88 2.09 11.53
C GLY D 91 12.68 1.24 11.98
N SER D 92 12.55 1.02 13.28
CA SER D 92 11.41 0.35 13.85
C SER D 92 10.32 1.40 14.03
N HIS D 93 9.12 1.06 13.59
CA HIS D 93 7.92 1.88 13.83
C HIS D 93 6.79 1.01 14.35
N THR D 94 5.80 1.64 14.96
CA THR D 94 4.68 0.85 15.48
C THR D 94 3.40 1.43 14.97
N ILE D 95 2.41 0.56 14.78
CA ILE D 95 1.07 1.03 14.53
C ILE D 95 0.27 0.31 15.58
N GLN D 96 -0.55 1.04 16.31
CA GLN D 96 -1.42 0.42 17.31
C GLN D 96 -2.85 0.80 17.01
N ARG D 97 -3.79 -0.02 17.44
CA ARG D 97 -5.18 0.37 17.29
C ARG D 97 -5.92 -0.07 18.56
N MET D 98 -6.98 0.63 18.87
CA MET D 98 -7.90 0.21 19.90
C MET D 98 -9.28 0.30 19.29
N ARG D 99 -10.10 -0.72 19.52
CA ARG D 99 -11.47 -0.65 19.06
C ARG D 99 -12.32 -1.38 20.08
N GLY D 100 -13.53 -0.87 20.34
CA GLY D 100 -14.28 -1.45 21.43
C GLY D 100 -15.62 -0.72 21.68
N CYS D 101 -16.40 -1.27 22.61
CA CYS D 101 -17.74 -0.77 22.87
C CYS D 101 -17.91 -0.66 24.38
N GLU D 102 -18.52 0.43 24.82
CA GLU D 102 -18.77 0.57 26.24
C GLU D 102 -20.30 0.55 26.36
N VAL D 103 -20.86 -0.35 27.16
CA VAL D 103 -22.33 -0.58 27.13
C VAL D 103 -22.92 -0.39 28.54
N GLY D 104 -23.93 0.46 28.67
CA GLY D 104 -24.54 0.71 29.99
C GLY D 104 -25.39 -0.47 30.45
N SER D 105 -25.80 -0.45 31.70
CA SER D 105 -26.59 -1.54 32.26
C SER D 105 -27.97 -1.65 31.64
N ASP D 106 -28.39 -0.65 30.86
CA ASP D 106 -29.63 -0.76 30.08
C ASP D 106 -29.37 -1.27 28.67
N GLY D 107 -28.16 -1.77 28.42
CA GLY D 107 -27.79 -2.28 27.08
C GLY D 107 -27.58 -1.24 25.99
N ARG D 108 -27.66 0.03 26.35
CA ARG D 108 -27.44 1.09 25.38
C ARG D 108 -25.92 1.18 25.09
N LEU D 109 -25.53 1.46 23.86
CA LEU D 109 -24.11 1.65 23.56
C LEU D 109 -23.72 3.05 24.02
N LEU D 110 -22.86 3.16 25.02
CA LEU D 110 -22.50 4.48 25.53
C LEU D 110 -21.41 5.10 24.69
N ARG D 111 -20.44 4.29 24.31
CA ARG D 111 -19.38 4.79 23.43
C ARG D 111 -18.92 3.64 22.53
N GLY D 112 -18.80 3.89 21.25
CA GLY D 112 -18.16 2.96 20.34
C GLY D 112 -16.92 3.65 19.82
N TYR D 113 -15.78 2.98 19.78
CA TYR D 113 -14.61 3.68 19.27
C TYR D 113 -13.65 2.85 18.41
N GLN D 114 -12.87 3.54 17.59
CA GLN D 114 -11.78 2.92 16.82
C GLN D 114 -10.77 4.04 16.58
N GLN D 115 -9.55 3.76 17.04
CA GLN D 115 -8.49 4.75 17.18
C GLN D 115 -7.27 4.04 16.67
N VAL D 116 -6.36 4.81 16.09
CA VAL D 116 -5.12 4.29 15.55
C VAL D 116 -4.05 5.25 16.04
N ALA D 117 -2.89 4.71 16.39
CA ALA D 117 -1.72 5.55 16.70
C ALA D 117 -0.54 5.10 15.88
N TYR D 118 0.31 6.04 15.47
CA TYR D 118 1.53 5.70 14.74
C TYR D 118 2.71 6.23 15.54
N ASP D 119 3.68 5.35 15.79
CA ASP D 119 4.78 5.65 16.67
C ASP D 119 4.34 6.19 18.02
N GLY D 120 3.27 5.62 18.54
CA GLY D 120 2.82 5.97 19.89
C GLY D 120 2.04 7.28 19.95
N ARG D 121 1.77 7.91 18.80
CA ARG D 121 0.99 9.16 18.78
C ARG D 121 -0.35 8.98 18.06
N ASP D 122 -1.39 9.67 18.56
CA ASP D 122 -2.67 9.68 17.86
C ASP D 122 -2.50 9.89 16.36
N TYR D 123 -3.15 9.03 15.60
CA TYR D 123 -3.11 9.13 14.13
C TYR D 123 -4.54 9.47 13.66
N ILE D 124 -5.50 8.57 13.90
CA ILE D 124 -6.90 8.81 13.46
C ILE D 124 -7.84 8.19 14.46
N ALA D 125 -9.02 8.79 14.59
CA ALA D 125 -10.02 8.24 15.48
C ALA D 125 -11.46 8.44 14.93
N LEU D 126 -12.31 7.44 15.13
CA LEU D 126 -13.72 7.55 14.85
C LEU D 126 -14.39 8.46 15.88
N ASN D 127 -15.10 9.50 15.42
CA ASN D 127 -15.78 10.39 16.37
C ASN D 127 -16.97 9.69 17.07
N GLU D 128 -17.42 10.25 18.18
CA GLU D 128 -18.54 9.68 18.94
C GLU D 128 -19.80 9.44 18.10
N ASP D 129 -19.97 10.20 17.01
CA ASP D 129 -21.15 10.04 16.18
C ASP D 129 -21.09 8.76 15.33
N LEU D 130 -19.95 8.07 15.39
CA LEU D 130 -19.74 6.83 14.63
C LEU D 130 -19.86 7.03 13.14
N LYS D 131 -19.69 8.27 12.70
CA LYS D 131 -19.81 8.53 11.26
C LYS D 131 -18.66 9.30 10.62
N THR D 132 -18.00 10.15 11.40
CA THR D 132 -16.92 10.95 10.87
C THR D 132 -15.62 10.68 11.64
N TRP D 133 -14.50 11.09 11.05
CA TRP D 133 -13.17 10.78 11.56
C TRP D 133 -12.45 12.05 12.00
N THR D 134 -11.68 11.98 13.09
CA THR D 134 -10.69 13.01 13.40
C THR D 134 -9.25 12.56 13.08
N ALA D 135 -8.63 13.25 12.13
CA ALA D 135 -7.28 12.97 11.65
C ALA D 135 -6.33 13.92 12.37
N ALA D 136 -5.27 13.36 12.97
CA ALA D 136 -4.34 14.17 13.74
C ALA D 136 -3.39 15.04 12.92
N ASP D 137 -3.16 14.72 11.64
CA ASP D 137 -2.09 15.37 10.87
C ASP D 137 -2.35 15.13 9.39
N MET D 138 -1.44 15.57 8.50
CA MET D 138 -1.66 15.48 7.06
C MET D 138 -1.64 14.07 6.55
N ALA D 139 -0.75 13.27 7.11
CA ALA D 139 -0.70 11.87 6.76
C ALA D 139 -2.10 11.26 7.05
N ALA D 140 -2.58 11.43 8.28
CA ALA D 140 -3.88 10.86 8.68
C ALA D 140 -5.02 11.35 7.79
N LEU D 141 -4.93 12.58 7.27
CA LEU D 141 -5.92 13.10 6.28
C LEU D 141 -5.99 12.27 5.01
N ILE D 142 -4.89 11.65 4.61
CA ILE D 142 -4.95 10.78 3.43
C ILE D 142 -5.81 9.58 3.78
N THR D 143 -5.60 9.05 4.98
CA THR D 143 -6.35 7.90 5.44
C THR D 143 -7.85 8.25 5.54
N LYS D 144 -8.13 9.39 6.14
CA LYS D 144 -9.49 9.87 6.32
C LYS D 144 -10.25 9.96 4.98
N HIS D 145 -9.69 10.63 3.97
CA HIS D 145 -10.35 10.72 2.67
C HIS D 145 -10.55 9.31 2.10
N LYS D 146 -9.52 8.48 2.19
CA LYS D 146 -9.63 7.11 1.69
C LYS D 146 -10.79 6.35 2.39
N TRP D 147 -10.95 6.58 3.69
CA TRP D 147 -11.93 5.82 4.47
C TRP D 147 -13.33 6.38 4.22
N GLU D 148 -13.44 7.69 4.13
CA GLU D 148 -14.68 8.30 3.67
C GLU D 148 -15.08 7.71 2.33
N GLN D 149 -14.18 7.76 1.36
CA GLN D 149 -14.54 7.27 0.05
C GLN D 149 -14.94 5.78 0.09
N ALA D 150 -14.34 5.00 0.98
CA ALA D 150 -14.60 3.56 0.97
C ALA D 150 -15.78 3.12 1.85
N GLY D 151 -16.45 4.06 2.52
CA GLY D 151 -17.54 3.71 3.42
C GLY D 151 -17.09 3.09 4.73
N ALA D 152 -15.82 3.28 5.10
CA ALA D 152 -15.25 2.59 6.27
C ALA D 152 -15.99 2.84 7.59
N ALA D 153 -16.42 4.08 7.85
CA ALA D 153 -17.15 4.33 9.11
C ALA D 153 -18.42 3.48 9.28
N GLU D 154 -19.10 3.21 8.17
CA GLU D 154 -20.33 2.43 8.22
C GLU D 154 -20.04 1.00 8.68
N ARG D 155 -18.98 0.39 8.16
CA ARG D 155 -18.62 -0.95 8.58
C ARG D 155 -18.21 -0.97 10.08
N ASP D 156 -17.41 0.00 10.50
CA ASP D 156 -17.09 0.17 11.93
C ASP D 156 -18.32 0.30 12.80
N ARG D 157 -19.20 1.22 12.45
CA ARG D 157 -20.42 1.41 13.21
C ARG D 157 -21.27 0.11 13.28
N ALA D 158 -21.37 -0.59 12.15
CA ALA D 158 -22.14 -1.83 12.15
C ALA D 158 -21.56 -2.82 13.18
N TYR D 159 -20.24 -2.96 13.19
CA TYR D 159 -19.57 -3.81 14.14
C TYR D 159 -19.75 -3.36 15.61
N LEU D 160 -19.55 -2.09 15.86
CA LEU D 160 -19.58 -1.56 17.23
C LEU D 160 -20.96 -1.68 17.85
N GLU D 161 -21.99 -1.49 17.03
CA GLU D 161 -23.39 -1.51 17.52
C GLU D 161 -23.97 -2.92 17.53
N GLY D 162 -23.41 -3.79 16.70
CA GLY D 162 -23.91 -5.18 16.55
C GLY D 162 -23.01 -6.19 17.25
N ALA D 163 -22.06 -6.78 16.52
CA ALA D 163 -21.23 -7.85 17.09
C ALA D 163 -20.59 -7.45 18.40
N CYS D 164 -20.05 -6.23 18.50
CA CYS D 164 -19.30 -5.89 19.71
C CYS D 164 -20.22 -6.02 20.91
N VAL D 165 -21.41 -5.45 20.82
CA VAL D 165 -22.36 -5.39 21.93
C VAL D 165 -22.88 -6.81 22.26
N GLU D 166 -23.16 -7.59 21.22
CA GLU D 166 -23.72 -8.93 21.41
C GLU D 166 -22.73 -9.87 22.08
N TRP D 167 -21.47 -9.79 21.65
CA TRP D 167 -20.44 -10.67 22.16
C TRP D 167 -20.03 -10.24 23.55
N LEU D 168 -20.04 -8.94 23.81
CA LEU D 168 -19.78 -8.47 25.18
C LEU D 168 -20.79 -9.16 26.12
N ARG D 169 -22.04 -9.17 25.74
CA ARG D 169 -23.06 -9.87 26.53
C ARG D 169 -22.69 -11.35 26.75
N ARG D 170 -22.33 -12.04 25.67
CA ARG D 170 -21.91 -13.43 25.75
CA ARG D 170 -21.94 -13.44 25.78
C ARG D 170 -20.75 -13.62 26.72
N TYR D 171 -19.71 -12.78 26.60
CA TYR D 171 -18.54 -12.96 27.43
C TYR D 171 -18.91 -12.74 28.92
N LEU D 172 -19.80 -11.79 29.16
CA LEU D 172 -20.27 -11.52 30.52
C LEU D 172 -20.98 -12.74 31.08
N GLU D 173 -21.84 -13.39 30.28
CA GLU D 173 -22.45 -14.68 30.69
C GLU D 173 -21.39 -15.71 31.03
N LEU D 174 -20.47 -15.94 30.10
CA LEU D 174 -19.45 -16.97 30.31
C LEU D 174 -18.57 -16.76 31.56
N GLY D 175 -18.20 -15.50 31.85
CA GLY D 175 -17.20 -15.25 32.87
C GLY D 175 -17.75 -14.62 34.13
N ASN D 176 -19.07 -14.62 34.26
CA ASN D 176 -19.76 -13.83 35.27
C ASN D 176 -19.12 -13.94 36.65
N ALA D 177 -18.90 -15.18 37.08
CA ALA D 177 -18.46 -15.49 38.44
C ALA D 177 -17.17 -14.77 38.79
N THR D 178 -16.28 -14.65 37.80
CA THR D 178 -14.96 -14.06 38.01
C THR D 178 -15.01 -12.58 37.70
N LEU D 179 -15.58 -12.26 36.54
CA LEU D 179 -15.56 -10.87 36.10
C LEU D 179 -16.26 -9.96 37.06
N LEU D 180 -17.36 -10.43 37.64
CA LEU D 180 -18.19 -9.53 38.42
C LEU D 180 -18.08 -9.80 39.95
N ARG D 181 -17.07 -10.54 40.38
CA ARG D 181 -16.85 -10.66 41.82
C ARG D 181 -16.33 -9.33 42.38
N THR D 182 -16.31 -9.19 43.70
CA THR D 182 -15.50 -8.17 44.35
C THR D 182 -14.67 -8.84 45.43
N ASP D 183 -13.40 -8.50 45.53
CA ASP D 183 -12.65 -8.84 46.70
C ASP D 183 -12.42 -7.54 47.44
N SER D 184 -12.85 -7.47 48.69
CA SER D 184 -12.67 -6.24 49.45
C SER D 184 -11.19 -6.06 49.84
N PRO D 185 -10.74 -4.81 49.89
CA PRO D 185 -9.33 -4.58 50.26
C PRO D 185 -9.05 -4.93 51.75
N LYS D 186 -7.89 -5.56 52.02
CA LYS D 186 -7.40 -5.64 53.41
C LYS D 186 -6.51 -4.44 53.62
N ALA D 187 -6.80 -3.65 54.64
CA ALA D 187 -6.14 -2.37 54.80
C ALA D 187 -5.36 -2.39 56.09
N HIS D 188 -4.18 -1.79 56.13
CA HIS D 188 -3.53 -1.63 57.44
C HIS D 188 -2.66 -0.40 57.33
N VAL D 189 -2.17 0.08 58.47
CA VAL D 189 -1.29 1.24 58.50
C VAL D 189 0.06 0.80 59.01
N THR D 190 1.12 1.30 58.40
CA THR D 190 2.47 1.12 58.94
C THR D 190 3.01 2.46 59.36
N HIS D 191 3.99 2.39 60.26
CA HIS D 191 4.53 3.53 60.97
C HIS D 191 6.02 3.50 60.65
N HIS D 192 6.61 4.62 60.22
CA HIS D 192 8.06 4.65 59.97
C HIS D 192 8.70 5.92 60.51
N SER D 193 9.73 5.77 61.32
CA SER D 193 10.41 6.96 61.89
C SER D 193 11.21 7.71 60.84
N ARG D 194 11.04 9.04 60.78
CA ARG D 194 11.88 9.90 59.94
C ARG D 194 12.59 11.01 60.72
N PRO D 195 13.93 11.06 60.66
CA PRO D 195 14.70 12.09 61.36
C PRO D 195 13.90 13.36 61.67
N LYS D 196 14.21 14.02 62.77
CA LYS D 196 13.65 15.33 63.03
C LYS D 196 12.29 15.22 63.73
N ASP D 197 12.08 14.07 64.36
CA ASP D 197 10.86 13.87 65.12
C ASP D 197 9.66 13.90 64.18
N LYS D 198 9.83 13.25 63.03
CA LYS D 198 8.75 13.07 62.07
C LYS D 198 8.43 11.58 61.88
N VAL D 199 7.20 11.30 61.48
CA VAL D 199 6.76 9.94 61.32
C VAL D 199 6.03 9.85 60.00
N THR D 200 6.34 8.85 59.20
CA THR D 200 5.56 8.55 58.01
C THR D 200 4.53 7.46 58.33
N LEU D 201 3.26 7.77 58.05
CA LEU D 201 2.17 6.80 58.18
C LEU D 201 1.76 6.41 56.76
N ARG D 202 1.77 5.09 56.51
CA ARG D 202 1.46 4.57 55.20
C ARG D 202 0.22 3.72 55.36
N CYS D 203 -0.82 4.09 54.62
CA CYS D 203 -2.04 3.33 54.63
C CYS D 203 -2.08 2.42 53.39
N TRP D 204 -2.13 1.12 53.63
CA TRP D 204 -2.02 0.13 52.54
C TRP D 204 -3.37 -0.50 52.33
N ALA D 205 -3.68 -0.82 51.07
CA ALA D 205 -4.87 -1.61 50.74
C ALA D 205 -4.39 -2.72 49.86
N LEU D 206 -4.76 -3.97 50.15
CA LEU D 206 -4.21 -5.06 49.41
C LEU D 206 -5.31 -6.06 49.10
N GLY D 207 -5.08 -6.86 48.06
CA GLY D 207 -5.92 -7.99 47.76
C GLY D 207 -7.29 -7.62 47.24
N PHE D 208 -7.47 -6.43 46.69
CA PHE D 208 -8.78 -6.00 46.25
C PHE D 208 -9.03 -6.20 44.73
N TYR D 209 -10.31 -6.36 44.37
CA TYR D 209 -10.71 -6.41 42.96
C TYR D 209 -12.15 -5.93 42.94
N PRO D 210 -12.53 -5.11 41.94
CA PRO D 210 -11.71 -4.58 40.84
C PRO D 210 -10.69 -3.52 41.30
N ALA D 211 -9.92 -3.00 40.34
CA ALA D 211 -8.79 -2.11 40.60
C ALA D 211 -9.17 -0.75 41.18
N ASP D 212 -10.35 -0.23 40.86
CA ASP D 212 -10.71 1.13 41.32
C ASP D 212 -10.84 1.21 42.83
N ILE D 213 -10.25 2.25 43.42
CA ILE D 213 -10.26 2.36 44.86
C ILE D 213 -9.84 3.79 45.14
N THR D 214 -10.19 4.28 46.31
CA THR D 214 -9.67 5.58 46.77
C THR D 214 -9.18 5.44 48.20
N LEU D 215 -8.03 6.05 48.49
CA LEU D 215 -7.43 6.09 49.79
C LEU D 215 -7.26 7.55 50.14
N THR D 216 -7.54 7.96 51.38
CA THR D 216 -7.32 9.32 51.79
C THR D 216 -6.84 9.31 53.23
N TRP D 217 -6.22 10.41 53.64
CA TRP D 217 -5.82 10.62 55.02
C TRP D 217 -6.55 11.87 55.52
N GLN D 218 -7.05 11.80 56.74
CA GLN D 218 -7.70 12.95 57.33
C GLN D 218 -7.00 13.33 58.62
N LEU D 219 -7.02 14.63 58.90
CA LEU D 219 -6.69 15.18 60.21
C LEU D 219 -7.83 16.15 60.58
N ASN D 220 -8.45 15.92 61.73
CA ASN D 220 -9.57 16.76 62.19
C ASN D 220 -10.65 16.94 61.12
N GLY D 221 -10.97 15.87 60.39
CA GLY D 221 -12.12 15.88 59.52
C GLY D 221 -11.87 16.38 58.12
N GLU D 222 -10.72 17.01 57.88
CA GLU D 222 -10.36 17.33 56.50
C GLU D 222 -9.28 16.43 55.90
N GLU D 223 -9.46 16.14 54.60
CA GLU D 223 -8.53 15.33 53.84
C GLU D 223 -7.24 16.09 53.58
N LEU D 224 -6.11 15.40 53.75
CA LEU D 224 -4.84 16.01 53.46
C LEU D 224 -4.65 16.02 51.96
N THR D 225 -4.66 17.22 51.40
CA THR D 225 -4.59 17.44 49.96
C THR D 225 -3.21 17.04 49.46
N GLN D 226 -2.26 17.96 49.60
CA GLN D 226 -0.86 17.73 49.32
C GLN D 226 -0.19 17.35 50.65
N ASP D 227 1.08 16.97 50.61
CA ASP D 227 1.71 16.41 51.80
C ASP D 227 1.62 14.87 51.69
N MET D 228 0.64 14.42 50.91
CA MET D 228 0.33 12.99 50.81
C MET D 228 0.97 12.39 49.57
N GLU D 229 1.73 11.30 49.74
CA GLU D 229 2.23 10.50 48.60
C GLU D 229 1.29 9.33 48.29
N LEU D 230 1.08 9.05 47.01
CA LEU D 230 0.13 8.07 46.57
C LEU D 230 0.69 7.28 45.38
N VAL D 231 0.90 5.96 45.51
CA VAL D 231 1.43 5.22 44.36
C VAL D 231 0.34 4.84 43.41
N GLU D 232 0.72 4.64 42.16
CA GLU D 232 -0.26 4.14 41.17
C GLU D 232 -0.71 2.75 41.60
N THR D 233 -2.01 2.49 41.42
CA THR D 233 -2.56 1.17 41.68
C THR D 233 -1.80 0.13 40.86
N ARG D 234 -1.44 -0.97 41.51
CA ARG D 234 -0.57 -1.95 40.88
C ARG D 234 -1.04 -3.42 41.07
N PRO D 235 -0.78 -4.27 40.05
CA PRO D 235 -1.26 -5.65 40.15
C PRO D 235 -0.37 -6.48 41.11
N ALA D 236 -1.02 -7.26 41.96
CA ALA D 236 -0.31 -8.16 42.81
C ALA D 236 0.18 -9.36 41.98
N GLY D 237 -0.43 -9.63 40.84
CA GLY D 237 -0.03 -10.76 39.97
C GLY D 237 -0.98 -11.95 40.13
N ASP D 238 -1.85 -11.93 41.14
CA ASP D 238 -2.82 -13.05 41.32
C ASP D 238 -4.23 -12.63 40.94
N GLY D 239 -4.40 -11.50 40.26
CA GLY D 239 -5.71 -11.03 39.89
C GLY D 239 -6.22 -9.91 40.77
N THR D 240 -5.58 -9.67 41.91
CA THR D 240 -5.97 -8.57 42.77
C THR D 240 -4.97 -7.44 42.60
N PHE D 241 -5.19 -6.35 43.33
CA PHE D 241 -4.45 -5.11 43.17
C PHE D 241 -4.04 -4.56 44.54
N GLN D 242 -3.10 -3.61 44.52
CA GLN D 242 -2.56 -2.97 45.73
C GLN D 242 -2.46 -1.47 45.54
N LYS D 243 -2.47 -0.72 46.63
CA LYS D 243 -2.25 0.71 46.53
C LYS D 243 -1.84 1.16 47.91
N TRP D 244 -1.02 2.18 48.04
CA TRP D 244 -0.92 2.84 49.33
C TRP D 244 -0.83 4.35 49.22
N ALA D 245 -1.08 4.99 50.34
CA ALA D 245 -0.97 6.45 50.46
C ALA D 245 -0.31 6.74 51.77
N SER D 246 0.63 7.69 51.79
CA SER D 246 1.31 8.06 53.02
C SER D 246 1.30 9.56 53.31
N VAL D 247 1.43 9.91 54.57
CA VAL D 247 1.60 11.29 54.94
C VAL D 247 2.70 11.32 56.00
N VAL D 248 3.36 12.46 56.14
CA VAL D 248 4.40 12.66 57.14
C VAL D 248 3.81 13.52 58.25
N VAL D 249 4.01 13.15 59.50
CA VAL D 249 3.30 13.80 60.62
C VAL D 249 4.24 13.89 61.79
N PRO D 250 3.93 14.78 62.75
CA PRO D 250 4.74 15.01 63.96
C PRO D 250 4.82 13.83 64.91
N LEU D 251 6.03 13.45 65.31
CA LEU D 251 6.19 12.41 66.30
C LEU D 251 5.26 12.73 67.44
N GLY D 252 4.51 11.74 67.91
CA GLY D 252 3.60 11.94 69.05
C GLY D 252 2.19 12.36 68.65
N LYS D 253 1.98 12.70 67.38
CA LYS D 253 0.63 13.12 66.94
C LYS D 253 -0.04 12.09 66.01
N GLU D 254 0.58 10.92 65.86
CA GLU D 254 0.02 9.87 64.96
C GLU D 254 -1.47 9.67 65.12
N GLN D 255 -1.96 9.70 66.35
CA GLN D 255 -3.31 9.23 66.62
C GLN D 255 -4.44 10.18 66.17
N ASN D 256 -4.08 11.38 65.74
CA ASN D 256 -5.07 12.31 65.23
C ASN D 256 -5.35 12.09 63.76
N TYR D 257 -4.61 11.20 63.11
CA TYR D 257 -4.74 10.96 61.68
C TYR D 257 -5.47 9.67 61.43
N THR D 258 -6.36 9.69 60.44
CA THR D 258 -7.11 8.51 60.03
C THR D 258 -6.99 8.27 58.53
N CYS D 259 -6.91 7.01 58.15
CA CYS D 259 -6.89 6.63 56.74
C CYS D 259 -8.28 6.17 56.39
N HIS D 260 -8.73 6.47 55.17
CA HIS D 260 -10.05 6.08 54.75
C HIS D 260 -9.95 5.31 53.47
N VAL D 261 -10.66 4.18 53.38
CA VAL D 261 -10.54 3.35 52.16
C VAL D 261 -11.93 3.18 51.56
N TYR D 262 -12.07 3.49 50.27
CA TYR D 262 -13.37 3.48 49.61
C TYR D 262 -13.27 2.46 48.51
N HIS D 263 -14.11 1.44 48.55
CA HIS D 263 -14.06 0.45 47.49
C HIS D 263 -15.46 -0.14 47.32
N GLU D 264 -15.81 -0.55 46.11
CA GLU D 264 -17.15 -1.09 45.85
C GLU D 264 -17.37 -2.41 46.55
N GLY D 265 -16.30 -3.13 46.92
CA GLY D 265 -16.52 -4.35 47.67
C GLY D 265 -16.77 -4.16 49.16
N LEU D 266 -16.68 -2.92 49.64
CA LEU D 266 -16.95 -2.62 51.05
C LEU D 266 -18.39 -2.12 51.20
N PRO D 267 -19.13 -2.61 52.21
CA PRO D 267 -20.48 -2.06 52.47
C PRO D 267 -20.42 -0.59 52.91
N GLU D 268 -19.33 -0.20 53.56
CA GLU D 268 -19.09 1.21 53.81
C GLU D 268 -17.59 1.40 53.89
N PRO D 269 -17.12 2.65 53.74
CA PRO D 269 -15.68 2.88 53.68
C PRO D 269 -15.06 2.43 54.99
N LEU D 270 -13.77 2.09 54.94
CA LEU D 270 -13.02 1.66 56.12
C LEU D 270 -12.37 2.91 56.67
N THR D 271 -12.27 2.98 58.00
CA THR D 271 -11.49 4.00 58.73
C THR D 271 -10.41 3.29 59.60
N LEU D 272 -9.15 3.68 59.49
CA LEU D 272 -8.08 3.04 60.27
C LEU D 272 -7.27 4.13 60.92
N ARG D 273 -6.70 3.86 62.08
CA ARG D 273 -5.76 4.80 62.66
C ARG D 273 -4.65 4.02 63.33
N TRP D 274 -3.48 4.62 63.43
CA TRP D 274 -2.32 3.87 63.92
C TRP D 274 -2.59 3.27 65.31
N MET E 1 10.32 9.54 16.04
CA MET E 1 9.34 9.20 17.09
C MET E 1 9.77 9.57 18.50
N ILE E 2 8.78 9.69 19.37
CA ILE E 2 9.01 10.31 20.64
C ILE E 2 9.12 9.25 21.73
N GLN E 3 10.22 9.24 22.49
CA GLN E 3 10.40 8.17 23.46
C GLN E 3 9.69 8.54 24.74
N LYS E 4 9.21 7.53 25.48
CA LYS E 4 8.57 7.75 26.75
C LYS E 4 9.35 6.96 27.79
N THR E 5 9.78 7.65 28.86
CA THR E 5 10.57 7.00 29.92
C THR E 5 9.72 6.01 30.81
N PRO E 6 10.16 4.76 30.99
CA PRO E 6 9.34 3.86 31.79
C PRO E 6 9.25 4.31 33.23
N GLN E 7 8.12 4.05 33.90
CA GLN E 7 8.02 4.28 35.32
C GLN E 7 8.07 2.89 35.93
N ILE E 8 8.63 2.75 37.13
CA ILE E 8 8.91 1.40 37.65
C ILE E 8 8.44 1.32 39.09
N GLN E 9 7.71 0.26 39.47
CA GLN E 9 7.50 -0.03 40.89
C GLN E 9 8.02 -1.42 41.18
N VAL E 10 8.65 -1.58 42.33
CA VAL E 10 9.19 -2.89 42.72
C VAL E 10 8.54 -3.20 44.06
N TYR E 11 7.92 -4.37 44.20
CA TYR E 11 7.12 -4.59 45.44
C TYR E 11 6.72 -6.06 45.52
N SER E 12 6.37 -6.54 46.71
CA SER E 12 6.05 -7.97 46.86
C SER E 12 4.56 -8.18 46.65
N ARG E 13 4.19 -9.39 46.24
CA ARG E 13 2.79 -9.75 46.13
C ARG E 13 2.12 -9.71 47.50
N HIS E 14 2.76 -10.29 48.52
CA HIS E 14 2.20 -10.29 49.88
C HIS E 14 3.09 -9.48 50.82
N PRO E 15 2.53 -9.01 51.95
CA PRO E 15 3.34 -8.31 52.93
C PRO E 15 4.54 -9.15 53.34
N PRO E 16 5.75 -8.56 53.36
CA PRO E 16 6.88 -9.46 53.48
C PRO E 16 7.14 -9.89 54.92
N GLU E 17 7.45 -11.18 55.09
CA GLU E 17 7.91 -11.73 56.36
C GLU E 17 9.20 -12.51 56.08
N ASN E 18 10.33 -11.99 56.58
CA ASN E 18 11.63 -12.67 56.48
C ASN E 18 11.44 -14.15 56.60
N GLY E 19 12.00 -14.88 55.64
CA GLY E 19 12.09 -16.32 55.79
C GLY E 19 10.86 -16.94 55.18
N LYS E 20 9.89 -16.13 54.76
CA LYS E 20 8.76 -16.72 54.03
C LYS E 20 8.69 -16.48 52.53
N PRO E 21 8.59 -17.58 51.74
CA PRO E 21 8.47 -17.46 50.29
C PRO E 21 7.26 -16.59 49.87
N ASN E 22 7.46 -15.83 48.80
CA ASN E 22 6.62 -14.71 48.44
C ASN E 22 6.89 -14.52 46.93
N ILE E 23 6.37 -13.46 46.34
CA ILE E 23 6.65 -13.18 44.93
C ILE E 23 7.03 -11.71 44.78
N LEU E 24 8.13 -11.43 44.07
CA LEU E 24 8.61 -10.07 43.86
C LEU E 24 8.19 -9.59 42.48
N ASN E 25 7.55 -8.42 42.44
CA ASN E 25 7.05 -7.85 41.19
C ASN E 25 7.90 -6.66 40.78
N CYS E 26 8.09 -6.52 39.48
CA CYS E 26 8.65 -5.29 38.93
C CYS E 26 7.66 -4.88 37.82
N TYR E 27 6.95 -3.79 38.07
CA TYR E 27 5.81 -3.39 37.25
C TYR E 27 6.28 -2.14 36.48
N VAL E 28 6.43 -2.27 35.17
CA VAL E 28 7.12 -1.24 34.38
C VAL E 28 6.11 -0.65 33.42
N THR E 29 5.86 0.66 33.50
CA THR E 29 4.73 1.23 32.72
C THR E 29 5.13 2.53 32.00
N GLN E 30 4.20 3.02 31.15
CA GLN E 30 4.34 4.35 30.50
C GLN E 30 5.53 4.53 29.56
N PHE E 31 5.92 3.46 28.88
CA PHE E 31 7.06 3.58 28.03
C PHE E 31 6.78 3.42 26.52
N HIS E 32 7.73 3.90 25.71
CA HIS E 32 7.65 3.80 24.22
C HIS E 32 9.06 4.13 23.72
N PRO E 33 9.59 3.34 22.80
CA PRO E 33 9.03 2.20 22.12
C PRO E 33 8.86 0.93 23.00
N PRO E 34 8.19 -0.11 22.45
CA PRO E 34 7.84 -1.28 23.22
C PRO E 34 9.06 -2.16 23.57
N HIS E 35 10.12 -2.14 22.78
CA HIS E 35 11.31 -2.96 23.15
C HIS E 35 11.84 -2.50 24.49
N ILE E 36 12.06 -3.45 25.41
CA ILE E 36 12.52 -3.12 26.76
C ILE E 36 13.26 -4.37 27.30
N GLU E 37 14.22 -4.16 28.19
CA GLU E 37 14.91 -5.30 28.80
C GLU E 37 14.86 -5.10 30.29
N ILE E 38 14.38 -6.12 30.98
CA ILE E 38 14.10 -6.04 32.38
C ILE E 38 14.80 -7.25 33.04
N GLN E 39 15.65 -6.96 34.02
CA GLN E 39 16.30 -7.98 34.78
C GLN E 39 15.87 -7.81 36.21
N MET E 40 15.78 -8.90 36.96
CA MET E 40 15.52 -8.77 38.38
C MET E 40 16.74 -9.29 39.09
N LEU E 41 17.09 -8.64 40.19
CA LEU E 41 18.38 -8.85 40.83
C LEU E 41 18.21 -9.24 42.30
N LYS E 42 19.07 -10.13 42.75
CA LYS E 42 19.21 -10.51 44.15
C LYS E 42 20.68 -10.32 44.51
N ASN E 43 20.95 -9.44 45.46
CA ASN E 43 22.32 -9.09 45.80
C ASN E 43 23.16 -8.77 44.55
N GLY E 44 22.64 -7.90 43.71
CA GLY E 44 23.37 -7.44 42.51
C GLY E 44 23.50 -8.40 41.32
N LYS E 45 23.06 -9.64 41.50
CA LYS E 45 23.25 -10.66 40.46
C LYS E 45 21.91 -11.06 39.84
N LYS E 46 21.94 -11.32 38.54
CA LYS E 46 20.72 -11.71 37.82
C LYS E 46 20.02 -12.93 38.43
N ILE E 47 18.72 -12.80 38.69
CA ILE E 47 17.89 -13.95 39.08
C ILE E 47 17.48 -14.65 37.80
N PRO E 48 17.76 -15.97 37.69
CA PRO E 48 17.60 -16.57 36.37
C PRO E 48 16.17 -16.92 36.00
N LYS E 49 15.28 -17.13 36.98
CA LYS E 49 13.94 -17.59 36.64
C LYS E 49 12.91 -16.47 36.83
N VAL E 50 12.88 -15.57 35.87
CA VAL E 50 12.04 -14.37 35.94
C VAL E 50 10.93 -14.46 34.88
N GLU E 51 9.68 -14.40 35.31
CA GLU E 51 8.58 -14.41 34.34
C GLU E 51 8.11 -13.00 33.96
N MET E 52 7.64 -12.87 32.73
CA MET E 52 7.25 -11.57 32.24
C MET E 52 6.02 -11.72 31.39
N SER E 53 5.10 -10.77 31.55
CA SER E 53 3.93 -10.71 30.69
C SER E 53 4.33 -10.35 29.25
N ASP E 54 3.42 -10.52 28.30
CA ASP E 54 3.71 -10.19 26.90
C ASP E 54 3.40 -8.71 26.57
N MET E 55 3.99 -8.21 25.48
CA MET E 55 3.79 -6.83 24.99
C MET E 55 2.30 -6.43 25.04
N SER E 56 1.99 -5.30 25.69
CA SER E 56 0.65 -4.87 26.06
C SER E 56 0.65 -3.35 26.31
N PHE E 57 -0.44 -2.67 26.01
CA PHE E 57 -0.39 -1.22 26.17
C PHE E 57 -1.70 -0.72 26.76
N SER E 58 -1.66 0.49 27.27
CA SER E 58 -2.80 0.98 27.97
C SER E 58 -3.47 2.03 27.09
N LYS E 59 -4.57 2.62 27.57
CA LYS E 59 -5.41 3.42 26.68
C LYS E 59 -4.78 4.73 26.26
N ASP E 60 -3.71 5.15 26.95
CA ASP E 60 -2.92 6.32 26.47
C ASP E 60 -1.83 5.91 25.46
N TRP E 61 -1.86 4.65 25.03
CA TRP E 61 -0.94 4.11 24.00
C TRP E 61 0.38 3.58 24.58
N SER E 62 0.67 3.86 25.85
CA SER E 62 1.98 3.50 26.40
C SER E 62 2.04 2.03 26.77
N PHE E 63 3.21 1.44 26.65
CA PHE E 63 3.35 -0.01 26.91
C PHE E 63 3.62 -0.27 28.38
N TYR E 64 3.30 -1.46 28.81
CA TYR E 64 3.59 -1.81 30.18
C TYR E 64 3.97 -3.26 30.24
N ILE E 65 4.68 -3.63 31.31
CA ILE E 65 5.06 -5.00 31.47
C ILE E 65 5.10 -5.32 32.97
N LEU E 66 4.66 -6.52 33.35
CA LEU E 66 4.80 -6.99 34.71
C LEU E 66 5.76 -8.19 34.73
N ALA E 67 6.88 -8.00 35.41
CA ALA E 67 7.86 -9.07 35.58
C ALA E 67 7.74 -9.54 37.03
N HIS E 68 7.99 -10.83 37.28
CA HIS E 68 7.92 -11.34 38.65
C HIS E 68 8.79 -12.56 38.83
N THR E 69 9.18 -12.79 40.08
CA THR E 69 10.01 -13.94 40.43
C THR E 69 9.72 -14.39 41.86
N GLU E 70 9.90 -15.68 42.17
CA GLU E 70 9.87 -16.10 43.58
C GLU E 70 11.02 -15.49 44.39
N PHE E 71 10.80 -15.21 45.66
CA PHE E 71 11.89 -14.73 46.52
C PHE E 71 11.53 -14.91 47.98
N THR E 72 12.56 -14.86 48.82
CA THR E 72 12.39 -14.95 50.25
C THR E 72 13.14 -13.77 50.87
N PRO E 73 12.39 -12.77 51.33
CA PRO E 73 13.09 -11.66 51.96
C PRO E 73 13.73 -12.21 53.22
N THR E 74 14.88 -11.64 53.60
CA THR E 74 15.54 -11.95 54.85
C THR E 74 16.09 -10.58 55.16
N GLU E 75 16.63 -10.37 56.36
CA GLU E 75 17.02 -9.03 56.76
C GLU E 75 18.24 -8.53 56.01
N THR E 76 18.96 -9.44 55.38
CA THR E 76 20.21 -9.04 54.80
C THR E 76 20.22 -8.96 53.24
N ASP E 77 19.43 -9.81 52.58
CA ASP E 77 19.41 -9.85 51.10
C ASP E 77 18.74 -8.63 50.49
N THR E 78 19.33 -8.10 49.43
CA THR E 78 18.74 -7.00 48.67
C THR E 78 18.16 -7.52 47.37
N TYR E 79 17.21 -6.77 46.82
CA TYR E 79 16.58 -7.17 45.57
C TYR E 79 16.31 -5.91 44.78
N ALA E 80 16.31 -6.04 43.45
CA ALA E 80 16.19 -4.85 42.65
C ALA E 80 15.67 -5.22 41.29
N CYS E 81 15.19 -4.24 40.54
CA CYS E 81 14.78 -4.46 39.15
C CYS E 81 15.62 -3.49 38.33
N ARG E 82 16.18 -3.96 37.23
CA ARG E 82 17.02 -3.10 36.44
C ARG E 82 16.47 -3.05 35.05
N VAL E 83 16.24 -1.83 34.55
CA VAL E 83 15.49 -1.66 33.32
C VAL E 83 16.32 -0.91 32.29
N LYS E 84 16.48 -1.53 31.14
CA LYS E 84 17.21 -0.92 30.04
C LYS E 84 16.22 -0.59 28.91
N HIS E 85 16.16 0.69 28.56
CA HIS E 85 15.21 1.14 27.59
C HIS E 85 15.82 2.32 26.80
N ASP E 86 15.49 2.41 25.51
CA ASP E 86 16.11 3.41 24.63
C ASP E 86 15.89 4.85 25.09
N SER E 87 14.87 5.11 25.92
CA SER E 87 14.66 6.45 26.47
C SER E 87 15.78 6.92 27.40
N MET E 88 16.55 5.97 27.97
CA MET E 88 17.60 6.35 28.95
C MET E 88 18.96 5.79 28.53
N ALA E 89 19.99 6.62 28.56
CA ALA E 89 21.28 6.15 28.09
C ALA E 89 21.79 5.04 29.01
N GLU E 90 21.47 5.09 30.30
CA GLU E 90 21.91 4.09 31.24
C GLU E 90 20.73 3.26 31.77
N PRO E 91 20.95 1.96 32.09
CA PRO E 91 19.87 1.23 32.75
C PRO E 91 19.49 1.88 34.06
N LYS E 92 18.20 1.77 34.41
CA LYS E 92 17.67 2.27 35.67
C LYS E 92 17.46 1.08 36.63
N THR E 93 17.99 1.20 37.83
CA THR E 93 17.91 0.15 38.84
C THR E 93 17.09 0.65 40.01
N VAL E 94 16.01 -0.06 40.29
CA VAL E 94 15.14 0.33 41.36
C VAL E 94 15.20 -0.78 42.42
N TYR E 95 15.61 -0.43 43.63
CA TYR E 95 15.70 -1.43 44.71
C TYR E 95 14.36 -1.72 45.39
N TRP E 96 14.14 -2.97 45.77
CA TRP E 96 12.98 -3.30 46.59
C TRP E 96 13.17 -2.74 47.98
N ASP E 97 12.13 -2.06 48.49
CA ASP E 97 12.13 -1.52 49.83
C ASP E 97 10.89 -2.09 50.51
N ARG E 98 11.07 -2.92 51.54
CA ARG E 98 9.92 -3.56 52.22
C ARG E 98 8.85 -2.60 52.73
N ASP E 99 9.23 -1.33 52.91
CA ASP E 99 8.29 -0.36 53.39
C ASP E 99 7.41 0.24 52.28
N MET E 100 7.54 -0.21 51.03
CA MET E 100 6.81 0.44 49.93
C MET E 100 6.30 -0.57 48.90
N VAL F 1 -15.70 -10.75 19.97
CA VAL F 1 -14.83 -11.14 18.81
C VAL F 1 -14.28 -9.91 18.13
N ASN F 2 -13.07 -10.06 17.59
CA ASN F 2 -12.43 -9.02 16.80
C ASN F 2 -12.81 -9.20 15.33
N ASP F 3 -12.69 -8.12 14.55
CA ASP F 3 -13.03 -8.16 13.13
C ASP F 3 -11.84 -7.61 12.39
N ILE F 4 -11.96 -7.50 11.07
CA ILE F 4 -10.85 -7.01 10.30
C ILE F 4 -10.71 -5.50 10.56
N PHE F 5 -9.48 -5.00 10.40
CA PHE F 5 -9.20 -3.55 10.44
C PHE F 5 -8.90 -3.06 9.04
N GLU F 6 -9.61 -2.04 8.61
CA GLU F 6 -9.37 -1.47 7.31
C GLU F 6 -7.97 -0.84 7.22
N ALA F 7 -7.28 -1.14 6.12
CA ALA F 7 -5.95 -0.59 5.83
C ALA F 7 -5.93 0.95 5.83
N ILE F 8 -4.85 1.54 6.34
CA ILE F 8 -4.76 3.00 6.32
C ILE F 8 -4.30 3.50 4.95
#